data_4A4Z
#
_entry.id   4A4Z
#
_cell.length_a   82.794
_cell.length_b   118.551
_cell.length_c   129.470
_cell.angle_alpha   90.00
_cell.angle_beta   90.00
_cell.angle_gamma   90.00
#
_symmetry.space_group_name_H-M   'P 21 21 21'
#
loop_
_entity.id
_entity.type
_entity.pdbx_description
1 polymer 'ANTIVIRAL HELICASE SKI2'
2 non-polymer 'PHOSPHOAMINOPHOSPHONIC ACID-ADENYLATE ESTER'
3 non-polymer 1,2-ETHANEDIOL
4 water water
#
_entity_poly.entity_id   1
_entity_poly.type   'polypeptide(L)'
_entity_poly.pdbx_seq_one_letter_code
;GPDSMVPVKKEWAHVVDLNHKIENFDELIPNPARSWPFELDTFQKEAVYHLEQGDSVFVAAHTSAGKTVVAEYAIAMAHR
NMTKTIYTSPIKALSNQKFRDFKETFDDVNIGLITGDVQINPDANCLIMTTEILRSMLYRGADLIRDVEFVIFDEVHYVN
DQDRGVVWEEVIIMLPQHVKFILLSATVPNTYEFANWIGRTKQKNIYVISTPKRPVPLEINIWAKKELIPVINQNSEFLE
ANFRKHKEILNGESAKGAPSKTDNGRGGSTARGGRGGSNTRDGRGGRGNSTRGGANRGGSRGAGAIGSNKRKFFTQDGPS
KKTWPEIVNYLRKRELLPMVVFVFSKKRCEEYADWLEGINFCNNKEKSQIHMFIEKSITRLKKEDRDLPQILKTRSLLER
GIAVHHGGLLPIVKELIEILFSKGFIKVLFATETFAMGLNLPTRTVIFSSIRKHDGNGLRELTPGEFTQMAGRAGRRGLD
STGTVIVMAYNSPLSIATFKEVTMGVPTRLQSQFRLTYNMILNLLRIEALRVEEMIKYSFSENAKETLQPEHEKQIKVLQ
EELQTIEYKSCEICDNDIEKFLELMLAYKEATVNLMQEMVKSPSILHILKEGRLVAFRDPNDCLKLGFVFKVSLKDAVCV
IMTFTKPYKLPNGEPNHLIYFPKADGYRRRNFPKFQKTDFYMEEVPVTAIEVITKRKFAAPLGKVIKKDVAALNEFNAET
NNILDGKTLKEAINIEKQGLKIHQILLDRTNIRDEIFKLKSIKCPNLSQHIVPKFKAHVIKKKIEELYHLMSDQNLSLLP
DYEKRLAVLKDTEFIDQNHNVLLKGRVACEINSGYELVLTELILDNFLGSFEPEEIVALLSVFVYEGKTREEEPPIVTPR
LAKGKQRIEEIYKKMLCVFNTHQIPLTQDEAEFLDRKRFAMMNVVYEWARGLSFKEIMEMSPEAEGTVVRVITWLDEICR
EVKTASIIIGNSTLHMKMSRAQELIKRDIVFAASLYL
;
_entity_poly.pdbx_strand_id   A
#
loop_
_chem_comp.id
_chem_comp.type
_chem_comp.name
_chem_comp.formula
ANP non-polymer 'PHOSPHOAMINOPHOSPHONIC ACID-ADENYLATE ESTER' 'C10 H17 N6 O12 P3'
EDO non-polymer 1,2-ETHANEDIOL 'C2 H6 O2'
#
# COMPACT_ATOMS: atom_id res chain seq x y z
N LYS A 9 30.12 12.13 13.31
CA LYS A 9 31.17 11.13 13.53
C LYS A 9 30.57 9.79 13.95
N LYS A 10 29.70 9.83 14.95
CA LYS A 10 29.10 8.61 15.47
C LYS A 10 28.01 8.08 14.55
N GLU A 11 28.16 6.83 14.14
CA GLU A 11 27.16 6.14 13.32
C GLU A 11 26.59 4.95 14.08
N TRP A 12 25.28 4.78 14.01
CA TRP A 12 24.62 3.68 14.71
C TRP A 12 24.17 2.59 13.75
N ALA A 13 23.92 2.97 12.50
CA ALA A 13 23.53 2.01 11.48
C ALA A 13 24.69 1.75 10.53
N HIS A 14 25.06 0.49 10.37
CA HIS A 14 26.20 0.15 9.52
C HIS A 14 25.83 -0.79 8.38
N VAL A 15 26.07 -0.34 7.15
CA VAL A 15 25.76 -1.12 5.96
C VAL A 15 26.84 -2.17 5.70
N VAL A 16 26.44 -3.44 5.72
CA VAL A 16 27.36 -4.53 5.43
C VAL A 16 27.49 -4.70 3.92
N ASP A 17 28.66 -4.37 3.40
CA ASP A 17 28.96 -4.51 1.97
C ASP A 17 28.66 -5.93 1.50
N LEU A 18 28.06 -6.05 0.31
CA LEU A 18 27.79 -7.35 -0.28
C LEU A 18 29.08 -8.07 -0.65
N ASN A 19 30.06 -7.30 -1.09
CA ASN A 19 31.37 -7.86 -1.46
C ASN A 19 32.10 -8.39 -0.23
N HIS A 20 31.66 -7.99 0.95
CA HIS A 20 32.27 -8.43 2.20
C HIS A 20 32.13 -9.95 2.33
N LYS A 21 33.11 -10.58 2.98
CA LYS A 21 33.11 -12.03 3.13
C LYS A 21 33.59 -12.45 4.52
N ILE A 22 33.20 -13.64 4.93
CA ILE A 22 33.60 -14.19 6.21
C ILE A 22 34.19 -15.58 6.04
N GLU A 23 35.41 -15.65 5.50
CA GLU A 23 36.08 -16.91 5.26
C GLU A 23 36.37 -17.63 6.57
N ASN A 24 36.84 -16.87 7.56
CA ASN A 24 37.15 -17.43 8.88
C ASN A 24 35.93 -17.41 9.80
N PHE A 25 34.74 -17.32 9.22
CA PHE A 25 33.50 -17.25 9.98
C PHE A 25 33.32 -18.49 10.85
N ASP A 26 33.57 -19.66 10.26
CA ASP A 26 33.43 -20.92 10.97
C ASP A 26 34.34 -20.96 12.20
N GLU A 27 35.33 -20.07 12.23
CA GLU A 27 36.26 -20.00 13.36
C GLU A 27 35.83 -18.91 14.34
N LEU A 28 35.29 -17.82 13.80
CA LEU A 28 34.83 -16.70 14.63
C LEU A 28 33.77 -17.16 15.62
N ILE A 29 32.90 -18.07 15.19
CA ILE A 29 31.87 -18.61 16.05
C ILE A 29 32.38 -19.87 16.75
N PRO A 30 32.68 -19.76 18.06
CA PRO A 30 33.22 -20.89 18.81
C PRO A 30 32.18 -21.98 19.05
N ASN A 31 31.02 -21.58 19.56
CA ASN A 31 29.94 -22.52 19.83
C ASN A 31 28.61 -22.00 19.31
N PRO A 32 28.43 -22.01 17.97
CA PRO A 32 27.19 -21.55 17.35
C PRO A 32 25.95 -22.02 18.12
N ALA A 33 25.09 -21.07 18.49
CA ALA A 33 23.89 -21.39 19.27
C ALA A 33 22.98 -22.36 18.52
N ARG A 34 23.25 -22.54 17.23
CA ARG A 34 22.44 -23.43 16.40
C ARG A 34 23.14 -23.72 15.08
N SER A 35 22.90 -24.91 14.53
CA SER A 35 23.52 -25.31 13.27
C SER A 35 22.48 -25.94 12.35
N TRP A 36 22.75 -25.91 11.05
CA TRP A 36 21.80 -26.42 10.06
C TRP A 36 22.46 -27.41 9.09
N PRO A 37 21.69 -28.42 8.66
CA PRO A 37 22.12 -29.41 7.67
C PRO A 37 22.87 -28.79 6.49
N PHE A 38 22.50 -27.57 6.13
CA PHE A 38 23.12 -26.88 4.99
C PHE A 38 24.16 -25.86 5.45
N GLU A 39 24.84 -25.25 4.49
CA GLU A 39 25.81 -24.22 4.77
C GLU A 39 25.17 -22.85 4.65
N LEU A 40 25.32 -22.03 5.69
CA LEU A 40 24.72 -20.71 5.71
C LEU A 40 25.28 -19.82 4.60
N ASP A 41 24.42 -19.00 4.02
CA ASP A 41 24.86 -17.99 3.07
C ASP A 41 25.66 -16.92 3.81
N THR A 42 26.38 -16.09 3.08
CA THR A 42 27.21 -15.06 3.70
C THR A 42 26.38 -14.11 4.55
N PHE A 43 25.18 -13.77 4.08
CA PHE A 43 24.34 -12.80 4.79
C PHE A 43 23.86 -13.37 6.13
N GLN A 44 23.59 -14.66 6.17
CA GLN A 44 23.18 -15.32 7.40
C GLN A 44 24.34 -15.36 8.39
N LYS A 45 25.54 -15.57 7.86
CA LYS A 45 26.76 -15.55 8.66
C LYS A 45 26.97 -14.16 9.25
N GLU A 46 26.81 -13.14 8.40
CA GLU A 46 26.87 -11.76 8.86
C GLU A 46 25.91 -11.57 10.02
N ALA A 47 24.65 -11.92 9.78
CA ALA A 47 23.62 -11.82 10.82
C ALA A 47 24.06 -12.47 12.12
N VAL A 48 24.31 -13.78 12.08
CA VAL A 48 24.72 -14.52 13.27
C VAL A 48 25.88 -13.81 13.97
N TYR A 49 26.92 -13.50 13.19
CA TYR A 49 28.08 -12.81 13.72
C TYR A 49 27.70 -11.57 14.49
N HIS A 50 27.09 -10.61 13.81
CA HIS A 50 26.76 -9.33 14.44
C HIS A 50 25.82 -9.50 15.62
N LEU A 51 24.95 -10.50 15.55
CA LEU A 51 24.08 -10.82 16.69
C LEU A 51 24.93 -11.25 17.89
N GLU A 52 25.88 -12.15 17.64
CA GLU A 52 26.76 -12.63 18.71
C GLU A 52 27.62 -11.51 19.30
N GLN A 53 27.88 -10.46 18.52
CA GLN A 53 28.63 -9.32 19.01
C GLN A 53 27.82 -8.55 20.05
N GLY A 54 26.50 -8.75 20.04
CA GLY A 54 25.61 -8.07 20.96
C GLY A 54 24.91 -6.90 20.31
N ASP A 55 24.88 -6.89 18.99
CA ASP A 55 24.28 -5.78 18.25
C ASP A 55 22.95 -6.17 17.60
N SER A 56 22.34 -5.21 16.91
CA SER A 56 21.08 -5.43 16.21
C SER A 56 21.30 -5.63 14.72
N VAL A 57 20.32 -6.22 14.05
CA VAL A 57 20.42 -6.47 12.62
C VAL A 57 19.15 -6.09 11.87
N PHE A 58 19.31 -5.56 10.67
CA PHE A 58 18.18 -5.28 9.79
C PHE A 58 18.42 -6.03 8.49
N VAL A 59 17.75 -7.16 8.33
CA VAL A 59 17.99 -8.04 7.18
C VAL A 59 16.94 -7.84 6.09
N ALA A 60 17.37 -7.22 5.00
CA ALA A 60 16.52 -7.05 3.83
C ALA A 60 16.99 -8.02 2.75
N ALA A 61 16.44 -9.23 2.77
CA ALA A 61 16.91 -10.30 1.89
C ALA A 61 15.85 -10.70 0.87
N HIS A 62 16.31 -11.04 -0.33
CA HIS A 62 15.42 -11.48 -1.40
C HIS A 62 14.57 -12.65 -0.94
N THR A 63 13.48 -12.89 -1.66
CA THR A 63 12.60 -14.02 -1.37
C THR A 63 13.29 -15.33 -1.75
N SER A 64 13.35 -16.27 -0.80
CA SER A 64 13.92 -17.60 -1.01
C SER A 64 15.36 -17.69 -0.52
N ALA A 65 15.79 -16.73 0.30
CA ALA A 65 17.15 -16.70 0.80
C ALA A 65 17.27 -17.40 2.15
N GLY A 66 16.25 -17.27 2.98
CA GLY A 66 16.22 -17.95 4.28
C GLY A 66 16.40 -17.00 5.44
N LYS A 67 15.47 -16.08 5.61
CA LYS A 67 15.53 -15.13 6.71
C LYS A 67 15.20 -15.79 8.04
N THR A 68 14.26 -16.73 8.02
CA THR A 68 13.83 -17.41 9.23
C THR A 68 15.04 -17.89 10.04
N VAL A 69 16.06 -18.37 9.34
CA VAL A 69 17.28 -18.84 9.99
C VAL A 69 17.80 -17.83 11.01
N VAL A 70 17.74 -16.55 10.67
CA VAL A 70 18.19 -15.51 11.59
C VAL A 70 17.27 -15.44 12.79
N ALA A 71 15.99 -15.72 12.56
CA ALA A 71 15.00 -15.68 13.61
C ALA A 71 15.21 -16.84 14.58
N GLU A 72 15.46 -18.01 14.03
CA GLU A 72 15.70 -19.20 14.84
C GLU A 72 16.96 -19.06 15.65
N TYR A 73 18.02 -18.54 15.03
CA TYR A 73 19.27 -18.32 15.74
C TYR A 73 18.99 -17.49 16.98
N ALA A 74 18.58 -16.24 16.77
CA ALA A 74 18.20 -15.36 17.87
C ALA A 74 17.52 -16.14 18.98
N ILE A 75 16.34 -16.66 18.68
CA ILE A 75 15.60 -17.48 19.64
C ILE A 75 16.56 -18.38 20.39
N ALA A 76 17.41 -19.10 19.65
CA ALA A 76 18.33 -20.03 20.27
C ALA A 76 19.12 -19.33 21.37
N MET A 77 19.62 -18.14 21.04
CA MET A 77 20.41 -17.38 21.99
C MET A 77 19.60 -17.20 23.27
N ALA A 78 18.30 -16.98 23.09
CA ALA A 78 17.43 -16.72 24.23
C ALA A 78 17.34 -17.95 25.12
N HIS A 79 17.52 -19.11 24.51
CA HIS A 79 17.45 -20.36 25.25
C HIS A 79 18.81 -20.69 25.85
N ARG A 80 19.80 -19.88 25.52
CA ARG A 80 21.17 -20.11 25.96
C ARG A 80 21.56 -19.10 27.04
N ASN A 81 20.81 -18.01 27.12
CA ASN A 81 21.09 -16.97 28.09
C ASN A 81 19.96 -16.81 29.09
N MET A 82 19.02 -17.76 29.08
CA MET A 82 17.86 -17.69 29.97
C MET A 82 17.07 -16.40 29.75
N THR A 83 17.21 -15.83 28.55
CA THR A 83 16.52 -14.60 28.21
C THR A 83 15.34 -14.88 27.30
N LYS A 84 14.52 -13.86 27.04
CA LYS A 84 13.34 -14.03 26.21
C LYS A 84 13.47 -13.34 24.85
N THR A 85 12.95 -14.00 23.83
CA THR A 85 12.93 -13.47 22.47
C THR A 85 11.51 -13.43 21.96
N ILE A 86 10.96 -12.22 21.84
CA ILE A 86 9.60 -12.05 21.34
C ILE A 86 9.59 -11.94 19.82
N TYR A 87 8.86 -12.83 19.17
CA TYR A 87 8.66 -12.77 17.73
C TYR A 87 7.36 -12.03 17.45
N THR A 88 7.38 -11.11 16.49
CA THR A 88 6.18 -10.36 16.15
C THR A 88 6.03 -10.14 14.66
N SER A 89 4.79 -10.20 14.19
CA SER A 89 4.45 -9.77 12.84
C SER A 89 3.06 -9.15 12.89
N PRO A 90 2.79 -8.21 11.98
CA PRO A 90 1.49 -7.51 11.97
C PRO A 90 0.33 -8.40 11.57
N ILE A 91 0.61 -9.53 10.93
CA ILE A 91 -0.43 -10.39 10.40
C ILE A 91 -0.90 -11.41 11.45
N LYS A 92 -2.04 -11.12 12.06
CA LYS A 92 -2.59 -11.96 13.12
C LYS A 92 -2.89 -13.37 12.61
N ALA A 93 -3.50 -13.44 11.43
CA ALA A 93 -3.86 -14.71 10.82
C ALA A 93 -2.68 -15.67 10.73
N LEU A 94 -1.47 -15.13 10.86
CA LEU A 94 -0.25 -15.93 10.69
C LEU A 94 0.45 -16.19 12.03
N SER A 95 -0.24 -15.94 13.14
CA SER A 95 0.33 -16.19 14.45
C SER A 95 0.35 -17.68 14.76
N ASN A 96 -0.82 -18.31 14.68
CA ASN A 96 -0.97 -19.73 14.95
C ASN A 96 0.04 -20.58 14.18
N GLN A 97 0.23 -20.24 12.91
CA GLN A 97 1.15 -20.99 12.05
C GLN A 97 2.60 -20.87 12.52
N LYS A 98 3.12 -19.64 12.59
CA LYS A 98 4.49 -19.43 13.05
C LYS A 98 4.71 -20.12 14.39
N PHE A 99 3.69 -20.08 15.25
CA PHE A 99 3.76 -20.71 16.55
C PHE A 99 3.95 -22.22 16.42
N ARG A 100 3.41 -22.79 15.35
CA ARG A 100 3.53 -24.22 15.12
C ARG A 100 4.85 -24.54 14.41
N ASP A 101 5.32 -23.61 13.58
CA ASP A 101 6.56 -23.80 12.85
C ASP A 101 7.75 -23.90 13.80
N PHE A 102 7.73 -23.10 14.86
CA PHE A 102 8.83 -23.08 15.81
C PHE A 102 8.78 -24.29 16.74
N LYS A 103 7.58 -24.65 17.17
CA LYS A 103 7.39 -25.83 18.01
C LYS A 103 7.98 -27.05 17.32
N GLU A 104 7.75 -27.16 16.02
CA GLU A 104 8.24 -28.28 15.24
C GLU A 104 9.70 -28.09 14.83
N THR A 105 10.30 -27.00 15.28
CA THR A 105 11.70 -26.70 14.95
C THR A 105 12.56 -26.68 16.21
N PHE A 106 11.95 -26.31 17.34
CA PHE A 106 12.66 -26.21 18.60
C PHE A 106 11.80 -26.73 19.75
N VAL A 109 12.95 -26.14 24.11
CA VAL A 109 11.92 -26.29 23.09
C VAL A 109 10.62 -25.61 23.52
N ASN A 110 10.68 -24.84 24.61
CA ASN A 110 9.50 -24.16 25.12
C ASN A 110 9.28 -22.80 24.46
N ILE A 111 8.16 -22.69 23.75
CA ILE A 111 7.79 -21.43 23.11
C ILE A 111 6.31 -21.17 23.37
N GLY A 112 5.96 -19.90 23.59
CA GLY A 112 4.60 -19.54 23.95
C GLY A 112 3.84 -18.83 22.85
N LEU A 113 2.60 -18.46 23.14
CA LEU A 113 1.75 -17.77 22.19
C LEU A 113 0.80 -16.84 22.95
N ILE A 114 0.84 -15.56 22.61
CA ILE A 114 0.00 -14.57 23.30
C ILE A 114 -0.98 -13.91 22.33
N THR A 115 -2.26 -14.22 22.48
CA THR A 115 -3.29 -13.56 21.69
C THR A 115 -4.21 -12.78 22.62
N GLY A 116 -5.30 -12.25 22.07
CA GLY A 116 -6.23 -11.46 22.86
C GLY A 116 -6.99 -12.28 23.90
N ASP A 117 -7.44 -13.46 23.51
CA ASP A 117 -8.23 -14.31 24.39
C ASP A 117 -7.46 -15.56 24.81
N VAL A 118 -6.73 -16.14 23.86
CA VAL A 118 -5.97 -17.36 24.13
C VAL A 118 -4.52 -17.04 24.49
N GLN A 119 -4.02 -17.66 25.54
CA GLN A 119 -2.65 -17.47 25.98
C GLN A 119 -2.02 -18.81 26.37
N ILE A 120 -0.94 -19.17 25.69
CA ILE A 120 -0.34 -20.49 25.85
C ILE A 120 1.14 -20.43 26.23
N ASN A 121 1.48 -21.01 27.37
CA ASN A 121 2.86 -21.16 27.79
C ASN A 121 3.63 -19.84 27.78
N PRO A 122 3.18 -18.88 28.61
CA PRO A 122 3.81 -17.56 28.67
C PRO A 122 5.21 -17.57 29.28
N ASP A 123 5.54 -18.63 30.01
CA ASP A 123 6.83 -18.72 30.70
C ASP A 123 7.93 -19.25 29.79
N ALA A 124 7.68 -19.25 28.49
CA ALA A 124 8.65 -19.76 27.53
C ALA A 124 9.75 -18.75 27.26
N ASN A 125 10.88 -19.23 26.76
CA ASN A 125 12.00 -18.35 26.40
C ASN A 125 11.73 -17.64 25.07
N CYS A 126 10.62 -18.00 24.43
CA CYS A 126 10.23 -17.38 23.18
C CYS A 126 8.71 -17.24 23.11
N LEU A 127 8.24 -16.08 22.68
CA LEU A 127 6.81 -15.82 22.61
C LEU A 127 6.40 -15.34 21.22
N ILE A 128 5.33 -15.92 20.70
CA ILE A 128 4.75 -15.49 19.43
C ILE A 128 3.57 -14.57 19.71
N MET A 129 3.54 -13.42 19.04
CA MET A 129 2.48 -12.44 19.23
C MET A 129 2.48 -11.41 18.12
N THR A 130 1.36 -10.73 17.94
CA THR A 130 1.26 -9.68 16.94
C THR A 130 1.90 -8.40 17.47
N THR A 131 2.14 -7.45 16.59
CA THR A 131 2.75 -6.17 16.97
C THR A 131 1.84 -5.44 17.96
N GLU A 132 0.54 -5.44 17.66
CA GLU A 132 -0.45 -4.81 18.53
C GLU A 132 -0.34 -5.32 19.97
N ILE A 133 -0.31 -6.64 20.13
CA ILE A 133 -0.22 -7.25 21.46
C ILE A 133 1.01 -6.73 22.18
N LEU A 134 2.11 -6.61 21.44
CA LEU A 134 3.35 -6.09 22.02
C LEU A 134 3.15 -4.66 22.49
N ARG A 135 2.64 -3.81 21.60
CA ARG A 135 2.32 -2.43 21.98
C ARG A 135 1.48 -2.43 23.25
N SER A 136 0.46 -3.30 23.27
CA SER A 136 -0.45 -3.41 24.40
C SER A 136 0.32 -3.76 25.67
N MET A 137 1.23 -4.72 25.56
CA MET A 137 2.04 -5.12 26.70
C MET A 137 2.95 -3.98 27.15
N LEU A 138 3.44 -3.20 26.19
CA LEU A 138 4.27 -2.05 26.53
C LEU A 138 3.47 -1.04 27.34
N TYR A 139 2.30 -0.65 26.83
CA TYR A 139 1.43 0.26 27.56
C TYR A 139 1.10 -0.30 28.93
N ARG A 140 0.73 -1.59 28.96
CA ARG A 140 0.41 -2.27 30.21
C ARG A 140 1.55 -2.19 31.20
N GLY A 141 2.78 -2.23 30.69
CA GLY A 141 3.97 -2.23 31.53
C GLY A 141 4.24 -3.62 32.07
N ALA A 142 3.94 -4.63 31.26
CA ALA A 142 4.11 -6.02 31.66
C ALA A 142 5.49 -6.28 32.27
N ASP A 143 5.59 -7.32 33.07
CA ASP A 143 6.81 -7.60 33.82
C ASP A 143 7.82 -8.43 33.02
N LEU A 144 7.34 -9.24 32.10
CA LEU A 144 8.19 -10.13 31.32
C LEU A 144 9.12 -9.35 30.38
N ILE A 145 8.78 -8.09 30.13
CA ILE A 145 9.53 -7.26 29.20
C ILE A 145 10.90 -6.90 29.77
N ARG A 146 11.03 -7.00 31.08
CA ARG A 146 12.32 -6.75 31.74
C ARG A 146 13.29 -7.88 31.42
N ASP A 147 12.76 -9.03 31.00
CA ASP A 147 13.58 -10.20 30.72
C ASP A 147 13.72 -10.46 29.23
N VAL A 148 13.23 -9.53 28.40
CA VAL A 148 13.30 -9.67 26.95
C VAL A 148 14.61 -9.08 26.41
N GLU A 149 15.31 -9.87 25.60
CA GLU A 149 16.58 -9.42 25.04
C GLU A 149 16.45 -9.13 23.54
N PHE A 150 15.62 -9.93 22.85
CA PHE A 150 15.45 -9.79 21.41
C PHE A 150 13.98 -9.62 21.03
N VAL A 151 13.72 -8.66 20.15
CA VAL A 151 12.41 -8.51 19.55
C VAL A 151 12.54 -8.60 18.03
N ILE A 152 11.87 -9.61 17.46
CA ILE A 152 11.90 -9.81 16.02
C ILE A 152 10.72 -9.12 15.35
N PHE A 153 11.01 -8.22 14.41
CA PHE A 153 9.98 -7.58 13.63
C PHE A 153 9.98 -8.15 12.22
N ASP A 154 9.05 -9.07 11.96
CA ASP A 154 9.01 -9.77 10.70
C ASP A 154 8.09 -9.06 9.71
N GLU A 155 8.34 -9.28 8.42
CA GLU A 155 7.54 -8.66 7.36
C GLU A 155 7.48 -7.14 7.52
N VAL A 156 8.62 -6.52 7.80
CA VAL A 156 8.69 -5.07 7.98
C VAL A 156 8.19 -4.34 6.75
N HIS A 157 8.33 -4.96 5.58
CA HIS A 157 7.88 -4.35 4.33
C HIS A 157 6.37 -4.44 4.14
N TYR A 158 5.70 -5.14 5.06
CA TYR A 158 4.24 -5.32 4.96
C TYR A 158 3.50 -3.98 5.04
N VAL A 159 2.72 -3.69 4.01
CA VAL A 159 1.91 -2.48 4.00
C VAL A 159 0.45 -2.82 3.70
N ASN A 160 -0.45 -2.37 4.55
CA ASN A 160 -1.87 -2.62 4.38
C ASN A 160 -2.69 -1.50 5.04
N ASP A 161 -3.42 -0.76 4.23
CA ASP A 161 -4.17 0.40 4.71
C ASP A 161 -5.33 0.01 5.62
N GLN A 162 -5.94 -1.15 5.34
CA GLN A 162 -7.07 -1.61 6.12
C GLN A 162 -6.64 -2.40 7.36
N ASP A 163 -5.32 -2.47 7.58
CA ASP A 163 -4.78 -3.18 8.72
C ASP A 163 -4.26 -2.20 9.76
N ARG A 164 -4.93 -2.18 10.91
CA ARG A 164 -4.61 -1.23 11.98
C ARG A 164 -3.46 -1.72 12.86
N GLY A 165 -2.90 -2.88 12.53
CA GLY A 165 -1.92 -3.51 13.39
C GLY A 165 -0.47 -3.33 12.96
N VAL A 166 -0.24 -2.55 11.91
CA VAL A 166 1.12 -2.31 11.45
C VAL A 166 1.73 -1.18 12.28
N VAL A 167 2.10 -1.50 13.51
CA VAL A 167 2.51 -0.49 14.49
C VAL A 167 3.88 -0.78 15.07
N TRP A 168 4.78 -1.33 14.25
CA TRP A 168 6.11 -1.70 14.73
C TRP A 168 6.95 -0.47 15.07
N GLU A 169 6.66 0.65 14.43
CA GLU A 169 7.39 1.90 14.71
C GLU A 169 7.10 2.40 16.13
N GLU A 170 5.83 2.49 16.48
CA GLU A 170 5.46 2.89 17.83
C GLU A 170 6.13 1.94 18.83
N VAL A 171 6.00 0.65 18.55
CA VAL A 171 6.59 -0.37 19.41
C VAL A 171 8.09 -0.17 19.56
N ILE A 172 8.79 0.09 18.46
CA ILE A 172 10.23 0.26 18.52
C ILE A 172 10.56 1.53 19.32
N ILE A 173 9.79 2.60 19.12
CA ILE A 173 9.99 3.81 19.90
C ILE A 173 9.81 3.56 21.39
N MET A 174 8.79 2.76 21.73
CA MET A 174 8.49 2.52 23.15
C MET A 174 9.36 1.46 23.84
N LEU A 175 10.08 0.64 23.08
CA LEU A 175 10.87 -0.43 23.69
C LEU A 175 11.96 0.11 24.61
N PRO A 176 12.16 -0.55 25.76
CA PRO A 176 13.18 -0.13 26.72
C PRO A 176 14.61 -0.28 26.16
N GLN A 177 15.55 0.49 26.70
CA GLN A 177 16.90 0.56 26.16
C GLN A 177 17.60 -0.79 26.11
N HIS A 178 17.19 -1.72 26.96
CA HIS A 178 17.89 -3.00 27.07
C HIS A 178 17.39 -4.04 26.07
N VAL A 179 16.59 -3.61 25.11
CA VAL A 179 16.06 -4.53 24.10
C VAL A 179 16.79 -4.36 22.76
N LYS A 180 17.28 -5.47 22.22
CA LYS A 180 17.93 -5.46 20.92
C LYS A 180 16.93 -5.88 19.84
N PHE A 181 17.20 -5.47 18.61
CA PHE A 181 16.23 -5.64 17.53
C PHE A 181 16.70 -6.58 16.43
N ILE A 182 15.74 -7.18 15.75
CA ILE A 182 16.01 -7.99 14.57
C ILE A 182 14.86 -7.77 13.60
N LEU A 183 15.08 -6.89 12.62
CA LEU A 183 14.04 -6.57 11.66
C LEU A 183 14.25 -7.35 10.37
N LEU A 184 13.25 -8.13 9.98
CA LEU A 184 13.32 -8.92 8.77
C LEU A 184 12.43 -8.29 7.69
N SER A 185 12.93 -8.23 6.48
CA SER A 185 12.23 -7.54 5.40
C SER A 185 12.59 -8.13 4.05
N ALA A 186 11.73 -7.89 3.07
CA ALA A 186 12.06 -8.16 1.68
C ALA A 186 13.07 -7.10 1.23
N THR A 187 13.65 -7.28 0.05
CA THR A 187 14.61 -6.31 -0.46
C THR A 187 13.93 -4.97 -0.73
N VAL A 188 14.39 -3.94 -0.05
CA VAL A 188 13.88 -2.60 -0.27
C VAL A 188 15.06 -1.67 -0.51
N PRO A 189 14.82 -0.55 -1.20
CA PRO A 189 15.90 0.38 -1.56
C PRO A 189 16.33 1.30 -0.42
N ASN A 190 15.44 1.56 0.54
CA ASN A 190 15.70 2.55 1.58
C ASN A 190 15.81 1.95 2.98
N THR A 191 16.53 0.85 3.11
CA THR A 191 16.67 0.18 4.41
C THR A 191 17.49 1.02 5.38
N TYR A 192 18.54 1.65 4.87
CA TYR A 192 19.46 2.43 5.69
C TYR A 192 18.75 3.56 6.44
N GLU A 193 17.86 4.27 5.74
CA GLU A 193 17.03 5.30 6.36
C GLU A 193 16.49 4.82 7.71
N PHE A 194 15.70 3.75 7.64
CA PHE A 194 15.01 3.25 8.81
C PHE A 194 15.97 2.63 9.82
N ALA A 195 16.96 1.89 9.34
CA ALA A 195 17.97 1.35 10.24
C ALA A 195 18.68 2.49 10.99
N ASN A 196 18.86 3.62 10.30
CA ASN A 196 19.56 4.77 10.88
C ASN A 196 18.68 5.47 11.90
N TRP A 197 17.41 5.65 11.55
CA TRP A 197 16.43 6.16 12.51
C TRP A 197 16.39 5.30 13.76
N ILE A 198 16.27 3.98 13.58
CA ILE A 198 16.23 3.07 14.70
C ILE A 198 17.50 3.18 15.55
N GLY A 199 18.65 2.97 14.93
CA GLY A 199 19.92 3.00 15.64
C GLY A 199 20.17 4.31 16.36
N ARG A 200 19.88 5.41 15.68
CA ARG A 200 20.10 6.73 16.25
C ARG A 200 19.12 7.00 17.39
N THR A 201 17.83 6.82 17.11
CA THR A 201 16.77 7.08 18.08
C THR A 201 16.86 6.16 19.30
N LYS A 202 17.33 4.94 19.09
CA LYS A 202 17.40 3.95 20.17
C LYS A 202 18.81 3.82 20.75
N GLN A 203 19.77 4.52 20.16
CA GLN A 203 21.16 4.43 20.60
C GLN A 203 21.63 2.97 20.56
N LYS A 204 21.50 2.35 19.39
CA LYS A 204 21.79 0.93 19.24
C LYS A 204 22.56 0.64 17.95
N ASN A 205 23.65 -0.12 18.07
CA ASN A 205 24.39 -0.57 16.90
C ASN A 205 23.57 -1.55 16.08
N ILE A 206 23.18 -1.15 14.87
CA ILE A 206 22.39 -2.02 14.02
C ILE A 206 23.06 -2.16 12.65
N TYR A 207 23.22 -3.41 12.21
CA TYR A 207 23.86 -3.69 10.94
C TYR A 207 22.85 -4.05 9.87
N VAL A 208 22.94 -3.34 8.74
CA VAL A 208 22.01 -3.53 7.63
C VAL A 208 22.57 -4.59 6.69
N ILE A 209 21.85 -5.71 6.58
CA ILE A 209 22.30 -6.85 5.80
C ILE A 209 21.32 -7.18 4.69
N SER A 210 21.85 -7.46 3.50
CA SER A 210 21.00 -7.81 2.37
C SER A 210 21.65 -8.91 1.53
N THR A 211 21.10 -9.14 0.34
CA THR A 211 21.60 -10.17 -0.55
C THR A 211 21.65 -9.66 -1.99
N PRO A 212 22.52 -10.25 -2.82
CA PRO A 212 22.67 -9.79 -4.21
C PRO A 212 21.49 -10.19 -5.09
N LYS A 213 20.88 -11.34 -4.83
CA LYS A 213 19.82 -11.85 -5.70
C LYS A 213 19.09 -13.02 -5.07
N ARG A 214 18.05 -13.50 -5.75
CA ARG A 214 17.30 -14.67 -5.31
C ARG A 214 18.10 -15.95 -5.55
N PRO A 215 18.37 -16.71 -4.48
CA PRO A 215 19.00 -18.02 -4.59
C PRO A 215 18.30 -18.93 -5.59
N VAL A 216 16.98 -19.00 -5.52
CA VAL A 216 16.19 -19.71 -6.52
C VAL A 216 15.67 -18.68 -7.52
N PRO A 217 16.33 -18.57 -8.68
CA PRO A 217 16.01 -17.51 -9.63
C PRO A 217 14.64 -17.69 -10.30
N LEU A 218 13.99 -16.57 -10.61
CA LEU A 218 12.69 -16.60 -11.27
C LEU A 218 12.84 -16.54 -12.77
N GLU A 219 11.91 -17.18 -13.48
CA GLU A 219 11.76 -16.95 -14.91
C GLU A 219 10.35 -16.46 -15.18
N ILE A 220 10.24 -15.34 -15.90
CA ILE A 220 8.94 -14.77 -16.23
C ILE A 220 8.54 -15.11 -17.66
N ASN A 221 7.41 -15.79 -17.78
CA ASN A 221 6.90 -16.25 -19.06
C ASN A 221 5.52 -15.67 -19.34
N ILE A 222 5.11 -15.72 -20.60
CA ILE A 222 3.76 -15.37 -20.98
C ILE A 222 3.09 -16.57 -21.62
N TRP A 223 1.85 -16.86 -21.21
CA TRP A 223 1.09 -17.94 -21.81
C TRP A 223 0.17 -17.35 -22.87
N ALA A 224 0.40 -17.75 -24.12
CA ALA A 224 -0.36 -17.21 -25.24
C ALA A 224 -0.58 -18.28 -26.30
N LYS A 225 -1.83 -18.48 -26.69
CA LYS A 225 -2.18 -19.46 -27.72
C LYS A 225 -1.52 -20.80 -27.44
N LYS A 226 -1.71 -21.31 -26.22
CA LYS A 226 -1.27 -22.66 -25.87
C LYS A 226 0.24 -22.82 -25.95
N GLU A 227 0.98 -21.74 -25.72
CA GLU A 227 2.43 -21.78 -25.78
C GLU A 227 3.02 -20.97 -24.64
N LEU A 228 4.06 -21.50 -24.00
CA LEU A 228 4.74 -20.80 -22.91
C LEU A 228 5.98 -20.08 -23.46
N ILE A 229 6.00 -18.76 -23.30
CA ILE A 229 7.05 -17.93 -23.89
C ILE A 229 7.83 -17.16 -22.83
N PRO A 230 9.13 -17.46 -22.70
CA PRO A 230 9.96 -16.70 -21.75
C PRO A 230 10.09 -15.24 -22.18
N VAL A 231 9.95 -14.31 -21.22
CA VAL A 231 10.12 -12.89 -21.53
C VAL A 231 11.06 -12.21 -20.55
N ILE A 232 11.25 -12.80 -19.37
CA ILE A 232 12.33 -12.35 -18.50
C ILE A 232 13.11 -13.53 -17.95
N ASN A 233 14.40 -13.58 -18.28
CA ASN A 233 15.25 -14.72 -17.93
C ASN A 233 15.77 -14.63 -16.51
N GLN A 234 16.58 -15.61 -16.11
CA GLN A 234 17.09 -15.68 -14.75
C GLN A 234 17.96 -14.48 -14.37
N ASN A 235 18.59 -13.86 -15.36
CA ASN A 235 19.43 -12.70 -15.12
C ASN A 235 18.64 -11.40 -15.21
N SER A 236 17.32 -11.51 -15.15
CA SER A 236 16.44 -10.34 -15.14
C SER A 236 16.55 -9.52 -16.43
N GLU A 237 16.86 -10.20 -17.53
CA GLU A 237 16.93 -9.53 -18.82
C GLU A 237 15.61 -9.68 -19.56
N PHE A 238 15.06 -8.56 -20.01
CA PHE A 238 13.82 -8.58 -20.79
C PHE A 238 14.09 -9.04 -22.21
N LEU A 239 13.31 -10.02 -22.66
CA LEU A 239 13.49 -10.61 -23.99
C LEU A 239 12.50 -10.03 -24.99
N GLU A 240 12.95 -9.00 -25.71
CA GLU A 240 12.09 -8.22 -26.60
C GLU A 240 11.46 -9.08 -27.71
N ALA A 241 12.29 -9.83 -28.41
CA ALA A 241 11.82 -10.64 -29.53
C ALA A 241 10.68 -11.57 -29.09
N ASN A 242 10.88 -12.25 -27.96
CA ASN A 242 9.87 -13.18 -27.46
C ASN A 242 8.54 -12.50 -27.13
N PHE A 243 8.62 -11.36 -26.46
CA PHE A 243 7.43 -10.58 -26.12
C PHE A 243 6.69 -10.19 -27.40
N ARG A 244 7.45 -9.67 -28.35
CA ARG A 244 6.88 -9.33 -29.64
C ARG A 244 6.26 -10.58 -30.25
N LYS A 245 6.93 -11.72 -30.08
CA LYS A 245 6.40 -12.98 -30.59
C LYS A 245 5.02 -13.26 -29.99
N HIS A 246 4.90 -13.17 -28.68
CA HIS A 246 3.60 -13.35 -28.03
C HIS A 246 2.57 -12.43 -28.70
N LYS A 247 2.92 -11.14 -28.78
CA LYS A 247 2.04 -10.18 -29.45
C LYS A 247 1.61 -10.70 -30.82
N GLU A 248 2.59 -11.12 -31.63
CA GLU A 248 2.33 -11.57 -32.98
C GLU A 248 1.44 -12.81 -33.03
N ILE A 249 1.73 -13.79 -32.18
CA ILE A 249 0.91 -14.98 -32.06
C ILE A 249 -0.54 -14.56 -31.86
N LEU A 250 -0.79 -13.75 -30.84
CA LEU A 250 -2.16 -13.36 -30.55
C LEU A 250 -2.81 -12.59 -31.71
N ASN A 251 -2.22 -11.46 -32.09
CA ASN A 251 -2.76 -10.67 -33.19
C ASN A 251 -3.08 -11.53 -34.41
N ASP A 317 -12.08 -11.44 -23.74
CA ASP A 317 -10.63 -11.52 -23.54
C ASP A 317 -10.29 -11.82 -22.08
N GLY A 318 -10.66 -13.01 -21.63
CA GLY A 318 -10.33 -13.49 -20.30
C GLY A 318 -10.35 -14.99 -20.32
N PRO A 319 -10.18 -15.63 -19.16
CA PRO A 319 -10.23 -17.10 -19.15
C PRO A 319 -11.55 -17.62 -19.69
N SER A 320 -11.50 -18.66 -20.52
CA SER A 320 -12.70 -19.37 -20.93
C SER A 320 -12.71 -20.73 -20.26
N LYS A 321 -13.65 -21.60 -20.65
CA LYS A 321 -13.79 -22.89 -20.01
C LYS A 321 -12.58 -23.80 -20.27
N LYS A 322 -11.92 -23.59 -21.39
CA LYS A 322 -10.79 -24.44 -21.78
C LYS A 322 -9.45 -23.91 -21.27
N THR A 323 -9.43 -22.65 -20.84
CA THR A 323 -8.17 -22.01 -20.43
C THR A 323 -7.38 -22.84 -19.42
N TRP A 324 -7.98 -23.10 -18.27
CA TRP A 324 -7.24 -23.70 -17.16
C TRP A 324 -6.90 -25.18 -17.38
N PRO A 325 -7.86 -25.97 -17.88
CA PRO A 325 -7.53 -27.36 -18.20
C PRO A 325 -6.32 -27.45 -19.13
N GLU A 326 -6.24 -26.56 -20.10
CA GLU A 326 -5.15 -26.57 -21.07
C GLU A 326 -3.79 -26.29 -20.43
N ILE A 327 -3.69 -25.20 -19.68
CA ILE A 327 -2.41 -24.82 -19.08
C ILE A 327 -2.06 -25.79 -17.95
N VAL A 328 -3.07 -26.24 -17.21
CA VAL A 328 -2.86 -27.24 -16.17
C VAL A 328 -2.24 -28.50 -16.77
N ASN A 329 -2.85 -28.97 -17.85
CA ASN A 329 -2.36 -30.16 -18.52
C ASN A 329 -0.94 -29.95 -19.05
N TYR A 330 -0.69 -28.77 -19.62
CA TYR A 330 0.63 -28.45 -20.16
C TYR A 330 1.71 -28.50 -19.07
N LEU A 331 1.42 -27.88 -17.93
CA LEU A 331 2.37 -27.83 -16.82
C LEU A 331 2.54 -29.20 -16.18
N ARG A 332 1.47 -30.00 -16.23
CA ARG A 332 1.48 -31.33 -15.66
C ARG A 332 2.44 -32.25 -16.41
N LYS A 333 2.37 -32.26 -17.73
CA LYS A 333 3.26 -33.08 -18.54
C LYS A 333 4.71 -32.68 -18.33
N ARG A 334 4.92 -31.42 -17.97
CA ARG A 334 6.28 -30.88 -17.84
C ARG A 334 6.73 -30.79 -16.39
N GLU A 335 5.87 -31.26 -15.49
CA GLU A 335 6.20 -31.34 -14.07
C GLU A 335 6.55 -29.98 -13.48
N LEU A 336 5.76 -28.96 -13.83
CA LEU A 336 5.91 -27.63 -13.26
C LEU A 336 4.88 -27.40 -12.14
N LEU A 337 4.34 -28.48 -11.60
CA LEU A 337 3.41 -28.42 -10.47
C LEU A 337 4.16 -28.61 -9.15
N PRO A 338 3.56 -28.15 -8.04
CA PRO A 338 2.24 -27.51 -7.94
C PRO A 338 2.22 -26.10 -8.48
N MET A 339 1.02 -25.60 -8.77
CA MET A 339 0.86 -24.25 -9.29
C MET A 339 -0.10 -23.43 -8.44
N VAL A 340 0.30 -22.20 -8.16
CA VAL A 340 -0.59 -21.25 -7.51
C VAL A 340 -1.01 -20.21 -8.55
N VAL A 341 -2.31 -20.09 -8.77
CA VAL A 341 -2.84 -19.09 -9.68
C VAL A 341 -3.45 -17.95 -8.86
N PHE A 342 -2.88 -16.75 -9.00
CA PHE A 342 -3.41 -15.60 -8.29
C PHE A 342 -4.56 -15.00 -9.07
N VAL A 343 -5.72 -14.93 -8.40
CA VAL A 343 -6.94 -14.41 -8.99
C VAL A 343 -7.51 -13.42 -7.98
N PHE A 344 -7.74 -12.18 -8.43
CA PHE A 344 -8.15 -11.12 -7.53
C PHE A 344 -9.67 -11.05 -7.48
N SER A 345 -10.26 -12.19 -7.12
CA SER A 345 -11.71 -12.31 -7.01
C SER A 345 -12.04 -13.71 -6.47
N LYS A 346 -12.74 -13.75 -5.34
CA LYS A 346 -13.11 -15.01 -4.71
C LYS A 346 -14.01 -15.83 -5.64
N LYS A 347 -15.03 -15.17 -6.16
CA LYS A 347 -15.98 -15.80 -7.06
C LYS A 347 -15.24 -16.45 -8.23
N ARG A 348 -14.30 -15.72 -8.82
CA ARG A 348 -13.58 -16.24 -9.97
C ARG A 348 -12.61 -17.35 -9.57
N CYS A 349 -12.05 -17.27 -8.36
CA CYS A 349 -11.27 -18.38 -7.83
C CYS A 349 -12.12 -19.63 -7.91
N GLU A 350 -13.29 -19.57 -7.27
CA GLU A 350 -14.15 -20.74 -7.23
C GLU A 350 -14.62 -21.19 -8.62
N GLU A 351 -14.97 -20.22 -9.46
CA GLU A 351 -15.35 -20.51 -10.84
C GLU A 351 -14.24 -21.29 -11.58
N TYR A 352 -13.04 -20.71 -11.59
CA TYR A 352 -11.90 -21.33 -12.26
C TYR A 352 -11.65 -22.73 -11.70
N ALA A 353 -11.68 -22.86 -10.38
CA ALA A 353 -11.53 -24.17 -9.77
C ALA A 353 -12.59 -25.13 -10.31
N ASP A 354 -13.83 -24.66 -10.41
CA ASP A 354 -14.91 -25.49 -10.96
C ASP A 354 -14.66 -25.86 -12.41
N TRP A 355 -14.02 -24.97 -13.17
CA TRP A 355 -13.68 -25.28 -14.56
C TRP A 355 -12.68 -26.43 -14.73
N LEU A 356 -12.14 -26.96 -13.64
CA LEU A 356 -11.24 -28.11 -13.73
C LEU A 356 -11.98 -29.42 -13.46
N GLU A 357 -13.24 -29.48 -13.84
CA GLU A 357 -14.05 -30.68 -13.60
C GLU A 357 -13.54 -31.85 -14.43
N GLY A 358 -13.32 -32.98 -13.76
CA GLY A 358 -12.84 -34.18 -14.43
C GLY A 358 -11.35 -34.36 -14.32
N ILE A 359 -10.67 -33.38 -13.72
CA ILE A 359 -9.23 -33.49 -13.48
C ILE A 359 -8.97 -33.92 -12.04
N ASN A 360 -8.04 -34.86 -11.89
CA ASN A 360 -7.72 -35.43 -10.58
C ASN A 360 -6.23 -35.71 -10.46
N PHE A 361 -5.66 -35.39 -9.31
CA PHE A 361 -4.23 -35.58 -9.10
C PHE A 361 -3.91 -36.62 -8.02
N CYS A 362 -4.95 -37.11 -7.34
CA CYS A 362 -4.75 -37.97 -6.19
C CYS A 362 -5.05 -39.44 -6.49
N ASN A 363 -4.14 -40.32 -6.08
CA ASN A 363 -4.39 -41.75 -6.12
C ASN A 363 -5.22 -42.15 -4.91
N ASN A 364 -5.60 -43.41 -4.83
CA ASN A 364 -6.51 -43.87 -3.78
C ASN A 364 -6.01 -43.57 -2.36
N LYS A 365 -4.75 -43.93 -2.11
CA LYS A 365 -4.16 -43.70 -0.79
C LYS A 365 -4.21 -42.22 -0.41
N GLU A 366 -3.90 -41.36 -1.37
CA GLU A 366 -3.89 -39.92 -1.12
C GLU A 366 -5.29 -39.42 -0.79
N LYS A 367 -6.27 -39.87 -1.57
CA LYS A 367 -7.67 -39.52 -1.30
C LYS A 367 -8.02 -39.92 0.12
N SER A 368 -7.66 -41.14 0.52
CA SER A 368 -7.94 -41.59 1.87
C SER A 368 -7.22 -40.76 2.94
N GLN A 369 -5.94 -40.48 2.73
CA GLN A 369 -5.19 -39.67 3.69
C GLN A 369 -5.85 -38.31 3.87
N ILE A 370 -6.20 -37.68 2.76
CA ILE A 370 -6.87 -36.37 2.77
C ILE A 370 -8.20 -36.47 3.54
N HIS A 371 -9.02 -37.45 3.16
CA HIS A 371 -10.29 -37.68 3.85
C HIS A 371 -10.07 -37.81 5.34
N MET A 372 -9.09 -38.62 5.73
CA MET A 372 -8.79 -38.85 7.13
C MET A 372 -8.41 -37.55 7.83
N PHE A 373 -7.52 -36.77 7.20
CA PHE A 373 -7.10 -35.51 7.81
C PHE A 373 -8.28 -34.57 8.01
N ILE A 374 -9.10 -34.41 6.99
CA ILE A 374 -10.28 -33.54 7.11
C ILE A 374 -11.18 -34.03 8.25
N GLU A 375 -11.54 -35.31 8.19
CA GLU A 375 -12.41 -35.91 9.19
C GLU A 375 -11.85 -35.67 10.59
N LYS A 376 -10.56 -35.91 10.75
CA LYS A 376 -9.92 -35.75 12.05
C LYS A 376 -9.90 -34.28 12.48
N SER A 377 -9.70 -33.39 11.52
CA SER A 377 -9.61 -31.96 11.81
C SER A 377 -10.95 -31.34 12.20
N ILE A 378 -12.04 -31.77 11.58
CA ILE A 378 -13.35 -31.19 11.88
C ILE A 378 -14.20 -31.99 12.88
N THR A 379 -13.65 -33.02 13.50
CA THR A 379 -14.44 -33.87 14.39
C THR A 379 -14.96 -33.09 15.60
N ARG A 380 -14.32 -31.97 15.90
CA ARG A 380 -14.71 -31.12 17.01
C ARG A 380 -16.09 -30.50 16.79
N LEU A 381 -16.31 -29.99 15.59
CA LEU A 381 -17.53 -29.25 15.26
C LEU A 381 -18.78 -30.09 15.41
N LYS A 382 -19.92 -29.43 15.66
CA LYS A 382 -21.21 -30.08 15.66
C LYS A 382 -21.48 -30.60 14.25
N LYS A 383 -22.41 -31.54 14.13
CA LYS A 383 -22.76 -32.08 12.82
C LYS A 383 -23.26 -30.99 11.89
N GLU A 384 -24.00 -30.04 12.44
CA GLU A 384 -24.59 -28.96 11.65
C GLU A 384 -23.50 -28.10 11.00
N ASP A 385 -22.33 -28.04 11.64
CA ASP A 385 -21.21 -27.27 11.11
C ASP A 385 -20.34 -28.11 10.17
N ARG A 386 -20.19 -29.39 10.47
CA ARG A 386 -19.42 -30.30 9.62
C ARG A 386 -20.03 -30.42 8.23
N ASP A 387 -21.34 -30.23 8.14
CA ASP A 387 -22.05 -30.42 6.87
C ASP A 387 -22.27 -29.12 6.10
N LEU A 388 -21.64 -28.03 6.52
CA LEU A 388 -21.77 -26.77 5.82
C LEU A 388 -21.38 -26.93 4.35
N PRO A 389 -22.17 -26.35 3.44
CA PRO A 389 -21.89 -26.44 1.99
C PRO A 389 -20.43 -26.15 1.60
N GLN A 390 -19.86 -25.09 2.15
CA GLN A 390 -18.49 -24.70 1.80
C GLN A 390 -17.52 -25.83 2.11
N ILE A 391 -17.75 -26.49 3.24
CA ILE A 391 -16.90 -27.60 3.67
C ILE A 391 -17.03 -28.78 2.70
N LEU A 392 -18.25 -29.15 2.34
CA LEU A 392 -18.48 -30.26 1.43
C LEU A 392 -17.83 -29.98 0.06
N LYS A 393 -18.07 -28.78 -0.45
CA LYS A 393 -17.50 -28.37 -1.73
C LYS A 393 -15.97 -28.42 -1.67
N THR A 394 -15.43 -27.84 -0.61
CA THR A 394 -13.98 -27.85 -0.42
C THR A 394 -13.45 -29.28 -0.40
N ARG A 395 -14.07 -30.16 0.38
CA ARG A 395 -13.65 -31.56 0.40
C ARG A 395 -13.64 -32.12 -1.01
N SER A 396 -14.73 -31.88 -1.74
CA SER A 396 -14.80 -32.30 -3.13
C SER A 396 -13.55 -31.88 -3.88
N LEU A 397 -13.20 -30.61 -3.84
CA LEU A 397 -12.00 -30.15 -4.52
C LEU A 397 -10.72 -30.81 -3.96
N LEU A 398 -10.56 -30.81 -2.64
CA LEU A 398 -9.33 -31.27 -2.00
C LEU A 398 -9.00 -32.72 -2.36
N GLU A 399 -10.00 -33.59 -2.33
CA GLU A 399 -9.75 -35.00 -2.61
C GLU A 399 -9.29 -35.24 -4.05
N ARG A 400 -9.26 -34.18 -4.86
CA ARG A 400 -8.75 -34.27 -6.22
C ARG A 400 -7.47 -33.45 -6.40
N GLY A 401 -6.92 -32.96 -5.29
CA GLY A 401 -5.67 -32.22 -5.34
C GLY A 401 -5.83 -30.79 -5.81
N ILE A 402 -7.05 -30.27 -5.73
CA ILE A 402 -7.33 -28.91 -6.18
C ILE A 402 -7.86 -28.08 -5.03
N ALA A 403 -7.59 -26.78 -5.04
CA ALA A 403 -8.20 -25.90 -4.04
C ALA A 403 -8.21 -24.43 -4.43
N VAL A 404 -9.01 -23.67 -3.70
CA VAL A 404 -8.98 -22.22 -3.78
C VAL A 404 -8.59 -21.70 -2.40
N HIS A 405 -8.16 -20.45 -2.34
CA HIS A 405 -7.78 -19.84 -1.07
C HIS A 405 -8.11 -18.35 -1.09
N HIS A 406 -9.04 -17.93 -0.25
CA HIS A 406 -9.47 -16.53 -0.23
C HIS A 406 -10.20 -16.17 1.07
N GLY A 407 -10.53 -14.90 1.23
CA GLY A 407 -11.09 -14.40 2.49
C GLY A 407 -12.52 -14.79 2.74
N GLY A 408 -13.18 -15.35 1.73
CA GLY A 408 -14.55 -15.80 1.88
C GLY A 408 -14.65 -17.13 2.60
N LEU A 409 -13.51 -17.80 2.78
CA LEU A 409 -13.48 -19.12 3.39
C LEU A 409 -13.52 -19.03 4.91
N LEU A 410 -14.15 -20.01 5.55
CA LEU A 410 -14.06 -20.16 7.00
C LEU A 410 -12.61 -20.44 7.36
N PRO A 411 -12.14 -19.85 8.47
CA PRO A 411 -10.74 -20.05 8.87
C PRO A 411 -10.33 -21.52 8.89
N ILE A 412 -11.14 -22.38 9.50
CA ILE A 412 -10.80 -23.80 9.60
C ILE A 412 -10.58 -24.41 8.22
N VAL A 413 -11.41 -24.02 7.25
CA VAL A 413 -11.25 -24.46 5.87
C VAL A 413 -9.92 -23.97 5.29
N LYS A 414 -9.65 -22.67 5.43
CA LYS A 414 -8.38 -22.09 5.02
C LYS A 414 -7.24 -22.93 5.57
N GLU A 415 -7.32 -23.25 6.86
CA GLU A 415 -6.27 -24.00 7.53
C GLU A 415 -6.11 -25.40 6.93
N LEU A 416 -7.23 -26.10 6.73
CA LEU A 416 -7.18 -27.38 6.04
C LEU A 416 -6.42 -27.26 4.73
N ILE A 417 -6.84 -26.29 3.91
CA ILE A 417 -6.22 -26.08 2.61
C ILE A 417 -4.72 -25.79 2.72
N GLU A 418 -4.35 -24.91 3.65
CA GLU A 418 -2.96 -24.53 3.86
C GLU A 418 -2.11 -25.73 4.27
N ILE A 419 -2.59 -26.47 5.26
CA ILE A 419 -1.84 -27.61 5.77
C ILE A 419 -1.72 -28.68 4.70
N LEU A 420 -2.79 -28.94 3.95
CA LEU A 420 -2.73 -29.92 2.89
C LEU A 420 -1.82 -29.46 1.75
N PHE A 421 -1.83 -28.17 1.45
CA PHE A 421 -0.95 -27.63 0.43
C PHE A 421 0.51 -27.78 0.82
N SER A 422 0.82 -27.45 2.07
CA SER A 422 2.21 -27.52 2.53
C SER A 422 2.73 -28.94 2.57
N LYS A 423 1.84 -29.92 2.65
CA LYS A 423 2.24 -31.32 2.76
C LYS A 423 2.29 -32.02 1.40
N GLY A 424 1.97 -31.29 0.34
CA GLY A 424 2.12 -31.79 -1.01
C GLY A 424 0.90 -32.46 -1.61
N PHE A 425 -0.27 -32.26 -1.01
CA PHE A 425 -1.49 -32.91 -1.49
C PHE A 425 -2.26 -32.08 -2.51
N ILE A 426 -1.86 -30.83 -2.71
CA ILE A 426 -2.57 -29.94 -3.62
C ILE A 426 -1.67 -29.48 -4.75
N LYS A 427 -2.14 -29.68 -5.98
CA LYS A 427 -1.33 -29.42 -7.17
C LYS A 427 -1.78 -28.14 -7.89
N VAL A 428 -3.04 -27.78 -7.73
CA VAL A 428 -3.56 -26.55 -8.30
C VAL A 428 -4.33 -25.75 -7.25
N LEU A 429 -3.80 -24.58 -6.93
CA LEU A 429 -4.43 -23.71 -5.95
C LEU A 429 -4.75 -22.36 -6.58
N PHE A 430 -6.03 -21.98 -6.58
CA PHE A 430 -6.42 -20.62 -6.99
C PHE A 430 -6.55 -19.75 -5.74
N ALA A 431 -5.76 -18.67 -5.68
CA ALA A 431 -5.69 -17.86 -4.47
C ALA A 431 -5.74 -16.38 -4.78
N THR A 432 -6.33 -15.62 -3.87
CA THR A 432 -6.28 -14.17 -3.94
C THR A 432 -4.91 -13.70 -3.46
N GLU A 433 -4.70 -12.39 -3.49
CA GLU A 433 -3.38 -11.81 -3.21
C GLU A 433 -2.90 -12.11 -1.79
N THR A 434 -3.83 -12.09 -0.83
CA THR A 434 -3.49 -12.31 0.58
C THR A 434 -2.58 -13.51 0.76
N PHE A 435 -2.91 -14.60 0.07
CA PHE A 435 -2.15 -15.85 0.18
C PHE A 435 -0.64 -15.64 0.02
N ALA A 436 -0.26 -14.61 -0.73
CA ALA A 436 1.14 -14.39 -1.05
C ALA A 436 1.88 -13.64 0.05
N MET A 437 1.16 -12.91 0.89
CA MET A 437 1.81 -12.00 1.83
C MET A 437 2.40 -12.75 3.03
N GLY A 438 1.54 -13.12 3.97
CA GLY A 438 1.99 -13.74 5.20
C GLY A 438 2.46 -15.17 5.01
N LEU A 439 1.53 -16.05 4.64
CA LEU A 439 1.78 -17.48 4.56
C LEU A 439 3.16 -17.83 4.01
N ASN A 440 3.79 -18.83 4.62
CA ASN A 440 5.07 -19.34 4.16
C ASN A 440 4.90 -20.60 3.33
N LEU A 441 4.10 -20.49 2.28
CA LEU A 441 3.80 -21.64 1.42
C LEU A 441 4.26 -21.38 -0.02
N PRO A 442 5.56 -21.55 -0.28
CA PRO A 442 6.04 -21.36 -1.65
C PRO A 442 5.57 -22.48 -2.58
N THR A 443 5.66 -22.23 -3.88
CA THR A 443 5.20 -23.19 -4.88
C THR A 443 6.24 -23.28 -5.98
N ARG A 444 6.10 -24.27 -6.87
CA ARG A 444 7.01 -24.39 -8.00
C ARG A 444 6.64 -23.37 -9.07
N THR A 445 5.35 -23.25 -9.33
CA THR A 445 4.87 -22.38 -10.39
C THR A 445 3.85 -21.36 -9.86
N VAL A 446 4.01 -20.12 -10.31
CA VAL A 446 3.06 -19.07 -9.99
C VAL A 446 2.48 -18.52 -11.28
N ILE A 447 1.16 -18.39 -11.33
CA ILE A 447 0.49 -17.84 -12.49
C ILE A 447 -0.32 -16.60 -12.12
N PHE A 448 -0.22 -15.57 -12.96
CA PHE A 448 -1.04 -14.38 -12.86
C PHE A 448 -2.14 -14.49 -13.90
N SER A 449 -3.37 -14.66 -13.43
CA SER A 449 -4.54 -14.65 -14.28
C SER A 449 -4.72 -13.26 -14.86
N SER A 450 -4.11 -12.28 -14.19
CA SER A 450 -4.15 -10.90 -14.62
C SER A 450 -3.14 -10.09 -13.82
N ILE A 451 -2.57 -9.05 -14.42
CA ILE A 451 -1.68 -8.17 -13.68
C ILE A 451 -2.37 -6.85 -13.36
N ARG A 452 -3.69 -6.88 -13.35
CA ARG A 452 -4.51 -5.74 -12.97
C ARG A 452 -5.44 -6.15 -11.83
N LYS A 453 -5.51 -5.33 -10.80
CA LYS A 453 -6.37 -5.60 -9.66
C LYS A 453 -7.20 -4.37 -9.31
N HIS A 454 -8.42 -4.60 -8.86
CA HIS A 454 -9.32 -3.51 -8.50
C HIS A 454 -9.21 -3.23 -7.00
N ASP A 455 -8.78 -2.01 -6.67
CA ASP A 455 -8.79 -1.55 -5.29
C ASP A 455 -9.89 -0.50 -5.14
N GLY A 456 -10.29 -0.20 -3.91
CA GLY A 456 -11.34 0.77 -3.67
C GLY A 456 -11.37 1.90 -4.70
N ASN A 457 -10.19 2.28 -5.19
CA ASN A 457 -10.08 3.31 -6.21
C ASN A 457 -10.70 2.87 -7.53
N GLY A 458 -10.51 1.60 -7.87
CA GLY A 458 -10.98 1.05 -9.11
C GLY A 458 -9.99 0.06 -9.67
N LEU A 459 -10.00 -0.15 -10.98
CA LEU A 459 -9.09 -1.10 -11.61
C LEU A 459 -7.79 -0.40 -12.02
N ARG A 460 -6.67 -0.99 -11.62
CA ARG A 460 -5.35 -0.46 -11.97
C ARG A 460 -4.28 -1.54 -11.93
N GLU A 461 -3.20 -1.32 -12.65
CA GLU A 461 -2.10 -2.29 -12.70
C GLU A 461 -1.54 -2.56 -11.32
N LEU A 462 -1.10 -3.78 -11.08
CA LEU A 462 -0.39 -4.10 -9.85
C LEU A 462 0.83 -3.21 -9.74
N THR A 463 1.38 -3.09 -8.53
CA THR A 463 2.63 -2.37 -8.33
C THR A 463 3.77 -3.38 -8.30
N PRO A 464 4.99 -2.94 -8.66
CA PRO A 464 6.15 -3.83 -8.64
C PRO A 464 6.29 -4.60 -7.33
N GLY A 465 5.95 -3.96 -6.21
CA GLY A 465 6.04 -4.60 -4.91
C GLY A 465 5.09 -5.77 -4.80
N GLU A 466 3.86 -5.56 -5.23
CA GLU A 466 2.84 -6.60 -5.17
C GLU A 466 3.23 -7.74 -6.10
N PHE A 467 3.56 -7.40 -7.35
CA PHE A 467 3.96 -8.41 -8.31
C PHE A 467 5.14 -9.21 -7.77
N THR A 468 6.13 -8.52 -7.22
CA THR A 468 7.28 -9.21 -6.66
C THR A 468 6.86 -10.10 -5.51
N GLN A 469 5.96 -9.58 -4.67
CA GLN A 469 5.44 -10.36 -3.54
C GLN A 469 4.76 -11.65 -3.99
N MET A 470 3.89 -11.56 -5.00
CA MET A 470 3.21 -12.76 -5.50
C MET A 470 4.12 -13.67 -6.33
N ALA A 471 4.78 -13.10 -7.31
CA ALA A 471 5.71 -13.84 -8.18
C ALA A 471 6.83 -14.49 -7.39
N GLY A 472 7.28 -13.83 -6.33
CA GLY A 472 8.37 -14.36 -5.51
C GLY A 472 8.05 -15.67 -4.79
N ARG A 473 6.79 -16.08 -4.79
CA ARG A 473 6.41 -17.33 -4.13
C ARG A 473 6.80 -18.55 -4.97
N ALA A 474 7.25 -18.31 -6.20
CA ALA A 474 7.38 -19.36 -7.20
C ALA A 474 8.65 -20.23 -7.08
N GLY A 475 9.50 -19.94 -6.11
CA GLY A 475 10.74 -20.69 -5.97
C GLY A 475 10.90 -21.37 -4.62
N ARG A 476 11.01 -22.70 -4.63
CA ARG A 476 11.22 -23.45 -3.40
C ARG A 476 12.68 -23.91 -3.29
N ARG A 477 13.45 -23.22 -2.46
CA ARG A 477 14.86 -23.53 -2.29
C ARG A 477 15.07 -24.96 -1.83
N GLY A 478 15.83 -25.72 -2.60
CA GLY A 478 16.11 -27.11 -2.28
C GLY A 478 15.24 -28.07 -3.08
N LEU A 479 14.11 -27.56 -3.58
CA LEU A 479 13.17 -28.38 -4.34
C LEU A 479 13.13 -27.97 -5.81
N ASP A 480 13.38 -26.69 -6.08
CA ASP A 480 13.29 -26.17 -7.44
C ASP A 480 14.60 -25.54 -7.90
N SER A 481 15.03 -25.88 -9.11
CA SER A 481 16.18 -25.25 -9.71
C SER A 481 15.85 -23.79 -9.99
N THR A 482 14.61 -23.55 -10.38
CA THR A 482 14.15 -22.21 -10.71
C THR A 482 12.68 -22.06 -10.35
N GLY A 483 12.24 -20.81 -10.18
CA GLY A 483 10.85 -20.53 -9.94
C GLY A 483 10.18 -20.06 -11.22
N THR A 484 9.13 -20.77 -11.63
CA THR A 484 8.45 -20.44 -12.88
C THR A 484 7.27 -19.51 -12.64
N VAL A 485 7.32 -18.35 -13.28
CA VAL A 485 6.25 -17.37 -13.16
C VAL A 485 5.62 -17.17 -14.52
N ILE A 486 4.29 -17.20 -14.57
CA ILE A 486 3.58 -17.11 -15.83
C ILE A 486 2.54 -16.00 -15.80
N VAL A 487 2.52 -15.17 -16.84
CA VAL A 487 1.46 -14.19 -16.98
C VAL A 487 0.51 -14.67 -18.08
N MET A 488 -0.77 -14.71 -17.77
CA MET A 488 -1.77 -15.17 -18.73
C MET A 488 -2.12 -14.08 -19.73
N ALA A 489 -2.03 -14.42 -21.01
CA ALA A 489 -2.63 -13.63 -22.07
C ALA A 489 -3.75 -14.48 -22.64
N TYR A 490 -4.79 -13.85 -23.16
CA TYR A 490 -5.95 -14.60 -23.63
C TYR A 490 -6.21 -14.38 -25.11
N ASN A 491 -6.83 -13.26 -25.47
CA ASN A 491 -7.14 -13.00 -26.87
C ASN A 491 -6.45 -11.76 -27.41
N SER A 492 -6.10 -10.83 -26.53
CA SER A 492 -5.40 -9.62 -26.94
C SER A 492 -4.03 -9.54 -26.25
N PRO A 493 -3.00 -9.09 -26.99
CA PRO A 493 -1.65 -8.96 -26.44
C PRO A 493 -1.60 -8.08 -25.19
N LEU A 494 -0.63 -8.34 -24.32
CA LEU A 494 -0.39 -7.47 -23.17
C LEU A 494 0.45 -6.28 -23.62
N SER A 495 0.16 -5.11 -23.07
CA SER A 495 0.92 -3.91 -23.40
C SER A 495 2.31 -3.98 -22.79
N ILE A 496 3.30 -3.53 -23.55
CA ILE A 496 4.70 -3.65 -23.14
C ILE A 496 5.03 -2.68 -21.99
N ALA A 497 4.52 -1.46 -22.07
CA ALA A 497 4.78 -0.46 -21.03
C ALA A 497 4.23 -0.95 -19.69
N THR A 498 2.96 -1.35 -19.71
CA THR A 498 2.32 -1.92 -18.53
C THR A 498 3.13 -3.10 -17.98
N PHE A 499 3.45 -4.04 -18.85
CA PHE A 499 4.13 -5.26 -18.44
C PHE A 499 5.50 -4.96 -17.84
N LYS A 500 6.26 -4.08 -18.48
CA LYS A 500 7.57 -3.69 -17.95
C LYS A 500 7.42 -2.95 -16.63
N GLU A 501 6.43 -2.08 -16.56
CA GLU A 501 6.19 -1.32 -15.33
C GLU A 501 5.84 -2.24 -14.17
N VAL A 502 5.01 -3.25 -14.45
CA VAL A 502 4.59 -4.18 -13.40
C VAL A 502 5.69 -5.17 -13.04
N THR A 503 6.37 -5.72 -14.03
CA THR A 503 7.33 -6.80 -13.79
C THR A 503 8.75 -6.32 -13.54
N MET A 504 9.06 -5.10 -13.96
CA MET A 504 10.41 -4.57 -13.80
C MET A 504 10.42 -3.12 -13.36
N GLY A 505 9.40 -2.72 -12.59
CA GLY A 505 9.30 -1.37 -12.10
C GLY A 505 10.24 -1.11 -10.93
N VAL A 506 10.36 0.15 -10.53
CA VAL A 506 11.21 0.51 -9.39
C VAL A 506 10.67 -0.14 -8.12
N PRO A 507 11.53 -0.87 -7.40
CA PRO A 507 11.12 -1.61 -6.20
C PRO A 507 10.48 -0.70 -5.15
N THR A 508 9.53 -1.26 -4.40
CA THR A 508 8.79 -0.51 -3.40
C THR A 508 9.66 -0.13 -2.20
N ARG A 509 9.51 1.10 -1.74
CA ARG A 509 10.29 1.61 -0.62
C ARG A 509 9.54 1.41 0.69
N LEU A 510 10.27 1.26 1.79
CA LEU A 510 9.67 1.29 3.11
C LEU A 510 9.04 2.65 3.33
N GLN A 511 7.81 2.66 3.83
CA GLN A 511 7.14 3.90 4.21
C GLN A 511 6.72 3.84 5.67
N SER A 512 6.73 4.98 6.35
CA SER A 512 6.30 5.04 7.73
C SER A 512 4.80 4.83 7.83
N GLN A 513 4.37 4.05 8.82
CA GLN A 513 2.96 3.77 9.03
C GLN A 513 2.45 4.51 10.26
N PHE A 514 3.36 5.13 10.99
CA PHE A 514 3.03 5.79 12.25
C PHE A 514 2.03 6.92 12.07
N ARG A 515 0.91 6.82 12.80
CA ARG A 515 -0.11 7.86 12.78
C ARG A 515 -0.57 8.15 14.20
N LEU A 516 -1.11 9.34 14.42
CA LEU A 516 -1.73 9.66 15.69
C LEU A 516 -3.17 9.17 15.71
N THR A 517 -3.59 8.57 16.82
CA THR A 517 -5.00 8.27 17.04
C THR A 517 -5.42 8.93 18.35
N TYR A 518 -6.73 9.09 18.53
CA TYR A 518 -7.25 9.67 19.75
C TYR A 518 -6.94 8.75 20.94
N ASN A 519 -6.99 7.45 20.70
CA ASN A 519 -6.70 6.46 21.73
C ASN A 519 -5.27 6.63 22.27
N MET A 520 -4.31 6.72 21.35
CA MET A 520 -2.92 6.94 21.70
C MET A 520 -2.73 8.24 22.47
N ILE A 521 -3.28 9.33 21.93
CA ILE A 521 -3.18 10.62 22.57
C ILE A 521 -3.77 10.58 23.99
N LEU A 522 -4.96 10.00 24.12
CA LEU A 522 -5.62 9.94 25.41
C LEU A 522 -4.81 9.10 26.39
N ASN A 523 -4.31 7.96 25.95
CA ASN A 523 -3.49 7.12 26.80
C ASN A 523 -2.18 7.79 27.25
N LEU A 524 -1.39 8.27 26.28
CA LEU A 524 -0.13 8.93 26.63
C LEU A 524 -0.39 10.15 27.49
N LEU A 525 -1.40 10.92 27.12
CA LEU A 525 -1.76 12.12 27.85
C LEU A 525 -2.16 11.75 29.28
N ARG A 526 -2.88 10.63 29.40
CA ARG A 526 -3.26 10.13 30.72
C ARG A 526 -2.03 9.72 31.52
N ILE A 527 -1.05 9.11 30.84
CA ILE A 527 0.19 8.72 31.49
C ILE A 527 1.02 9.90 31.99
N GLU A 528 1.30 10.86 31.09
CA GLU A 528 2.18 11.97 31.43
C GLU A 528 2.09 13.07 30.38
N ALA A 529 2.16 14.32 30.84
CA ALA A 529 1.83 15.48 30.02
C ALA A 529 2.47 15.52 28.63
N LEU A 530 3.78 15.32 28.55
CA LEU A 530 4.50 15.50 27.29
C LEU A 530 4.92 14.19 26.63
N ARG A 531 4.25 13.09 26.99
CA ARG A 531 4.55 11.79 26.39
C ARG A 531 4.30 11.82 24.89
N VAL A 532 3.21 12.45 24.47
CA VAL A 532 2.87 12.53 23.06
C VAL A 532 3.99 13.25 22.30
N GLU A 533 4.38 14.43 22.79
CA GLU A 533 5.45 15.20 22.17
C GLU A 533 6.71 14.35 22.06
N GLU A 534 7.01 13.64 23.14
CA GLU A 534 8.17 12.74 23.17
C GLU A 534 8.04 11.65 22.09
N MET A 535 6.87 11.05 22.00
CA MET A 535 6.60 10.00 21.02
C MET A 535 6.78 10.56 19.61
N ILE A 536 6.32 11.79 19.41
CA ILE A 536 6.44 12.47 18.12
C ILE A 536 7.90 12.79 17.82
N LYS A 537 8.64 13.21 18.85
CA LYS A 537 10.04 13.57 18.69
C LYS A 537 10.87 12.37 18.19
N TYR A 538 10.53 11.18 18.67
CA TYR A 538 11.31 9.99 18.36
C TYR A 538 10.78 9.21 17.16
N SER A 539 9.84 9.80 16.43
CA SER A 539 9.22 9.13 15.29
C SER A 539 10.11 9.20 14.06
N PHE A 540 9.82 8.38 13.06
CA PHE A 540 10.62 8.35 11.84
C PHE A 540 10.55 9.68 11.07
N SER A 541 9.34 10.24 10.98
CA SER A 541 9.15 11.52 10.31
C SER A 541 10.13 12.58 10.82
N GLU A 542 10.10 12.83 12.13
CA GLU A 542 10.98 13.82 12.74
C GLU A 542 12.43 13.57 12.35
N ASN A 543 12.92 12.37 12.64
CA ASN A 543 14.29 12.00 12.30
C ASN A 543 14.58 12.27 10.82
N ALA A 544 13.59 11.99 9.97
CA ALA A 544 13.73 12.27 8.54
C ALA A 544 13.94 13.77 8.32
N LYS A 545 13.08 14.57 8.92
CA LYS A 545 13.23 16.03 8.86
C LYS A 545 14.63 16.44 9.31
N GLU A 546 15.07 15.84 10.42
CA GLU A 546 16.41 16.10 10.94
C GLU A 546 17.47 15.76 9.89
N THR A 547 17.31 14.60 9.26
CA THR A 547 18.26 14.17 8.24
C THR A 547 18.28 15.18 7.10
N LEU A 548 17.11 15.67 6.70
CA LEU A 548 17.01 16.62 5.61
C LEU A 548 17.60 18.00 5.96
N GLN A 549 17.26 18.51 7.15
CA GLN A 549 17.64 19.86 7.54
C GLN A 549 18.97 20.35 6.98
N PRO A 550 20.08 19.73 7.39
CA PRO A 550 21.42 20.17 6.99
C PRO A 550 21.61 20.18 5.47
N GLU A 551 21.00 19.23 4.78
CA GLU A 551 21.10 19.17 3.33
C GLU A 551 20.53 20.44 2.72
N HIS A 552 19.32 20.82 3.14
CA HIS A 552 18.68 22.02 2.65
C HIS A 552 19.43 23.27 3.11
N GLU A 553 20.16 23.15 4.22
CA GLU A 553 20.96 24.25 4.73
C GLU A 553 22.08 24.59 3.76
N LYS A 554 22.79 23.57 3.31
CA LYS A 554 23.89 23.74 2.37
C LYS A 554 23.37 24.28 1.04
N GLN A 555 22.22 23.80 0.62
CA GLN A 555 21.61 24.24 -0.64
C GLN A 555 21.28 25.72 -0.58
N ILE A 556 20.71 26.15 0.54
CA ILE A 556 20.37 27.56 0.73
C ILE A 556 21.62 28.41 0.89
N LYS A 557 22.70 27.78 1.34
CA LYS A 557 23.98 28.47 1.49
C LYS A 557 24.55 28.82 0.12
N VAL A 558 24.51 27.86 -0.79
CA VAL A 558 24.97 28.07 -2.15
C VAL A 558 24.10 29.11 -2.86
N LEU A 559 22.79 29.03 -2.62
CA LEU A 559 21.85 29.96 -3.23
C LEU A 559 22.00 31.36 -2.65
N GLN A 560 22.02 31.44 -1.32
CA GLN A 560 22.15 32.72 -0.63
C GLN A 560 23.40 33.47 -1.09
N GLU A 561 24.49 32.73 -1.26
CA GLU A 561 25.77 33.31 -1.68
C GLU A 561 25.75 33.62 -3.18
N GLU A 562 25.18 32.71 -3.96
CA GLU A 562 25.08 32.90 -5.41
C GLU A 562 24.40 34.23 -5.74
N LEU A 563 23.36 34.54 -4.99
CA LEU A 563 22.65 35.81 -5.17
C LEU A 563 23.47 36.95 -4.59
N GLN A 564 24.17 36.68 -3.49
CA GLN A 564 25.00 37.67 -2.84
C GLN A 564 25.99 38.30 -3.82
N THR A 565 26.62 37.46 -4.64
CA THR A 565 27.59 37.93 -5.62
C THR A 565 26.94 38.89 -6.62
N LYS A 580 8.23 45.19 -9.73
CA LYS A 580 6.84 45.01 -10.13
C LYS A 580 6.77 44.46 -11.56
N PHE A 581 7.68 44.92 -12.40
CA PHE A 581 7.72 44.49 -13.80
C PHE A 581 7.92 42.98 -13.89
N LEU A 582 8.86 42.46 -13.09
CA LEU A 582 9.15 41.03 -13.09
C LEU A 582 7.96 40.24 -12.57
N GLU A 583 7.30 40.77 -11.55
CA GLU A 583 6.13 40.13 -10.96
C GLU A 583 5.00 40.05 -11.98
N LEU A 584 4.60 41.20 -12.50
CA LEU A 584 3.53 41.27 -13.48
C LEU A 584 3.88 40.47 -14.73
N MET A 585 5.14 40.55 -15.14
CA MET A 585 5.61 39.83 -16.32
C MET A 585 5.51 38.32 -16.11
N LEU A 586 6.24 37.82 -15.10
CA LEU A 586 6.20 36.40 -14.78
C LEU A 586 4.76 35.93 -14.64
N ALA A 587 3.97 36.71 -13.91
CA ALA A 587 2.55 36.42 -13.76
C ALA A 587 1.90 36.34 -15.14
N TYR A 588 2.27 37.26 -16.03
CA TYR A 588 1.75 37.28 -17.39
C TYR A 588 2.12 35.98 -18.11
N LYS A 589 3.36 35.54 -17.94
CA LYS A 589 3.80 34.28 -18.53
C LYS A 589 2.96 33.13 -18.01
N GLU A 590 2.80 33.07 -16.69
CA GLU A 590 1.96 32.05 -16.06
C GLU A 590 0.53 32.13 -16.58
N ALA A 591 0.06 33.36 -16.81
CA ALA A 591 -1.29 33.58 -17.31
C ALA A 591 -1.44 33.06 -18.74
N THR A 592 -0.45 33.36 -19.57
CA THR A 592 -0.46 32.91 -20.95
C THR A 592 -0.39 31.39 -20.99
N VAL A 593 0.47 30.82 -20.16
CA VAL A 593 0.58 29.37 -20.04
C VAL A 593 -0.75 28.78 -19.60
N ASN A 594 -1.37 29.40 -18.60
CA ASN A 594 -2.67 28.95 -18.11
C ASN A 594 -3.71 28.97 -19.22
N LEU A 595 -3.86 30.11 -19.88
CA LEU A 595 -4.81 30.25 -20.98
C LEU A 595 -4.54 29.21 -22.05
N MET A 596 -3.26 29.06 -22.41
CA MET A 596 -2.87 28.09 -23.43
C MET A 596 -3.27 26.68 -23.02
N GLN A 597 -2.99 26.34 -21.76
CA GLN A 597 -3.36 25.03 -21.23
C GLN A 597 -4.88 24.88 -21.24
N GLU A 598 -5.57 25.97 -20.97
CA GLU A 598 -7.03 25.98 -20.95
C GLU A 598 -7.59 25.76 -22.35
N MET A 599 -6.98 26.40 -23.34
CA MET A 599 -7.45 26.29 -24.72
C MET A 599 -7.17 24.91 -25.32
N VAL A 600 -6.33 24.13 -24.65
CA VAL A 600 -5.95 22.80 -25.14
C VAL A 600 -7.03 21.77 -24.84
N LYS A 601 -8.04 22.15 -24.06
CA LYS A 601 -9.11 21.23 -23.69
C LYS A 601 -10.25 21.29 -24.70
N SER A 602 -10.71 22.49 -25.01
CA SER A 602 -11.82 22.67 -25.95
C SER A 602 -11.37 22.52 -27.39
N PRO A 603 -12.00 21.61 -28.14
CA PRO A 603 -11.66 21.38 -29.55
C PRO A 603 -11.68 22.66 -30.37
N SER A 604 -12.41 23.67 -29.90
CA SER A 604 -12.51 24.95 -30.60
C SER A 604 -11.14 25.45 -31.04
N ILE A 605 -10.10 25.07 -30.29
CA ILE A 605 -8.74 25.46 -30.62
C ILE A 605 -8.42 25.17 -32.08
N LEU A 606 -8.86 24.00 -32.55
CA LEU A 606 -8.56 23.58 -33.92
C LEU A 606 -9.05 24.59 -34.96
N HIS A 607 -9.91 25.51 -34.52
CA HIS A 607 -10.36 26.59 -35.40
C HIS A 607 -9.33 27.71 -35.40
N ILE A 608 -8.72 27.96 -34.25
CA ILE A 608 -7.74 29.03 -34.11
C ILE A 608 -6.40 28.61 -34.69
N LEU A 609 -6.11 27.31 -34.60
CA LEU A 609 -4.83 26.78 -35.08
C LEU A 609 -5.01 26.00 -36.37
N LYS A 610 -5.81 26.55 -37.28
CA LYS A 610 -5.96 25.97 -38.60
C LYS A 610 -4.62 26.08 -39.33
N GLU A 611 -4.32 25.08 -40.16
CA GLU A 611 -3.07 25.06 -40.91
C GLU A 611 -2.72 26.42 -41.49
N GLY A 612 -1.62 27.01 -41.01
CA GLY A 612 -1.14 28.27 -41.54
C GLY A 612 -1.09 29.39 -40.52
N ARG A 613 -1.63 29.14 -39.33
CA ARG A 613 -1.66 30.16 -38.29
C ARG A 613 -0.25 30.48 -37.80
N LEU A 614 0.31 31.59 -38.27
CA LEU A 614 1.63 32.02 -37.84
C LEU A 614 1.61 32.33 -36.34
N VAL A 615 2.56 31.75 -35.61
CA VAL A 615 2.62 31.94 -34.16
C VAL A 615 4.05 32.12 -33.68
N ALA A 616 4.18 32.80 -32.54
CA ALA A 616 5.46 32.97 -31.87
C ALA A 616 5.48 32.08 -30.63
N PHE A 617 6.36 31.09 -30.62
CA PHE A 617 6.41 30.12 -29.53
C PHE A 617 7.81 29.99 -28.96
N ARG A 618 7.92 29.22 -27.89
CA ARG A 618 9.21 28.98 -27.24
C ARG A 618 9.66 27.53 -27.46
N ASP A 619 10.89 27.36 -27.92
CA ASP A 619 11.46 26.03 -28.06
C ASP A 619 11.83 25.49 -26.68
N PRO A 620 12.27 24.22 -26.60
CA PRO A 620 12.64 23.66 -25.30
C PRO A 620 13.63 24.53 -24.52
N ASN A 621 14.45 25.31 -25.23
CA ASN A 621 15.41 26.20 -24.58
C ASN A 621 14.79 27.53 -24.17
N ASP A 622 13.50 27.68 -24.44
CA ASP A 622 12.77 28.90 -24.08
C ASP A 622 13.20 30.09 -24.94
N CYS A 623 13.65 29.81 -26.16
CA CYS A 623 13.98 30.87 -27.10
C CYS A 623 12.79 31.20 -27.97
N LEU A 624 12.47 32.49 -28.08
CA LEU A 624 11.34 32.93 -28.88
C LEU A 624 11.57 32.62 -30.36
N LYS A 625 10.57 32.03 -31.00
CA LYS A 625 10.65 31.72 -32.41
C LYS A 625 9.27 31.85 -33.05
N LEU A 626 9.23 31.91 -34.38
CA LEU A 626 7.97 32.05 -35.11
C LEU A 626 7.81 30.93 -36.12
N GLY A 627 6.58 30.47 -36.31
CA GLY A 627 6.30 29.41 -37.28
C GLY A 627 4.82 29.22 -37.57
N PHE A 628 4.52 28.49 -38.64
CA PHE A 628 3.14 28.24 -39.02
C PHE A 628 2.67 26.88 -38.50
N VAL A 629 1.41 26.82 -38.07
CA VAL A 629 0.85 25.55 -37.58
C VAL A 629 0.62 24.60 -38.74
N PHE A 630 0.95 23.32 -38.53
CA PHE A 630 0.80 22.32 -39.57
C PHE A 630 -0.07 21.15 -39.13
N LYS A 631 -0.01 20.80 -37.84
CA LYS A 631 -0.79 19.70 -37.31
C LYS A 631 -1.20 19.97 -35.86
N VAL A 632 -2.38 19.49 -35.48
CA VAL A 632 -2.89 19.68 -34.13
C VAL A 632 -3.48 18.39 -33.57
N SER A 633 -2.66 17.65 -32.82
CA SER A 633 -3.10 16.40 -32.20
C SER A 633 -3.49 16.64 -30.74
N LEU A 634 -4.78 16.83 -30.50
CA LEU A 634 -5.28 17.07 -29.15
C LEU A 634 -5.03 15.88 -28.24
N LYS A 635 -5.00 14.69 -28.83
CA LYS A 635 -4.77 13.46 -28.07
C LYS A 635 -3.42 13.52 -27.35
N ASP A 636 -2.40 14.02 -28.06
CA ASP A 636 -1.07 14.15 -27.50
C ASP A 636 -0.79 15.61 -27.11
N ALA A 637 -1.69 16.49 -27.50
CA ALA A 637 -1.58 17.91 -27.16
C ALA A 637 -0.29 18.53 -27.71
N VAL A 638 0.23 17.97 -28.79
CA VAL A 638 1.41 18.51 -29.44
C VAL A 638 1.07 18.99 -30.84
N CYS A 639 1.59 20.16 -31.21
CA CYS A 639 1.36 20.72 -32.53
C CYS A 639 2.63 20.66 -33.36
N VAL A 640 2.50 20.22 -34.61
CA VAL A 640 3.62 20.21 -35.54
C VAL A 640 3.66 21.54 -36.28
N ILE A 641 4.78 22.24 -36.14
CA ILE A 641 4.92 23.58 -36.70
C ILE A 641 5.99 23.63 -37.78
N MET A 642 5.76 24.48 -38.78
CA MET A 642 6.80 24.81 -39.75
C MET A 642 7.46 26.12 -39.30
N THR A 643 8.66 26.00 -38.76
CA THR A 643 9.37 27.15 -38.22
C THR A 643 10.24 27.82 -39.28
N THR A 645 12.15 30.85 -38.71
CA THR A 645 12.64 31.81 -37.72
C THR A 645 13.51 31.11 -36.67
N LYS A 646 14.80 31.40 -36.71
CA LYS A 646 15.72 30.89 -35.70
C LYS A 646 15.41 31.55 -34.36
N PRO A 647 15.79 30.90 -33.26
CA PRO A 647 15.53 31.45 -31.93
C PRO A 647 16.18 32.81 -31.73
N TYR A 648 15.54 33.68 -30.96
CA TYR A 648 16.05 35.02 -30.72
C TYR A 648 16.89 35.08 -29.45
N LYS A 649 18.12 34.57 -29.52
CA LYS A 649 19.03 34.60 -28.39
C LYS A 649 19.83 35.90 -28.37
N TYR A 660 7.69 39.60 -27.48
CA TYR A 660 7.12 40.95 -27.45
C TYR A 660 5.74 40.93 -26.80
N PHE A 661 4.91 41.90 -27.15
CA PHE A 661 3.55 41.96 -26.64
C PHE A 661 2.63 42.59 -27.68
N PRO A 662 1.42 42.02 -27.84
CA PRO A 662 0.46 42.49 -28.84
C PRO A 662 0.26 44.01 -28.83
N LYS A 663 0.46 44.64 -29.99
CA LYS A 663 0.26 46.08 -30.13
C LYS A 663 1.22 46.87 -29.25
N ALA A 664 2.50 46.53 -29.32
CA ALA A 664 3.53 47.24 -28.57
C ALA A 664 4.61 47.75 -29.51
N ASP A 665 4.29 48.80 -30.26
CA ASP A 665 5.22 49.36 -31.24
C ASP A 665 6.56 49.71 -30.62
N GLY A 666 6.57 50.76 -29.80
CA GLY A 666 7.79 51.22 -29.16
C GLY A 666 8.44 50.13 -28.33
N TYR A 667 7.63 49.45 -27.52
CA TYR A 667 8.13 48.36 -26.69
C TYR A 667 8.77 47.29 -27.58
N ARG A 668 8.16 47.05 -28.74
CA ARG A 668 8.70 46.08 -29.69
C ARG A 668 10.05 46.56 -30.20
N ARG A 669 10.08 47.79 -30.71
CA ARG A 669 11.31 48.37 -31.24
C ARG A 669 12.45 48.29 -30.24
N ARG A 670 12.21 48.82 -29.04
CA ARG A 670 13.24 48.86 -28.01
C ARG A 670 13.59 47.46 -27.51
N ASN A 671 12.56 46.68 -27.19
CA ASN A 671 12.76 45.37 -26.59
C ASN A 671 13.06 44.27 -27.61
N PHE A 672 12.26 44.21 -28.67
CA PHE A 672 12.37 43.13 -29.65
C PHE A 672 12.64 43.63 -31.06
N PRO A 673 13.92 43.66 -31.47
CA PRO A 673 14.28 44.03 -32.83
C PRO A 673 13.97 42.91 -33.82
N LYS A 674 14.42 43.04 -35.06
CA LYS A 674 14.16 42.04 -36.09
C LYS A 674 14.71 40.67 -35.70
N PHE A 675 13.93 39.62 -35.97
CA PHE A 675 14.36 38.26 -35.71
C PHE A 675 15.09 37.70 -36.92
N GLN A 676 15.78 36.58 -36.73
CA GLN A 676 16.56 35.97 -37.81
C GLN A 676 15.80 34.82 -38.46
N LYS A 677 16.16 34.51 -39.71
CA LYS A 677 15.51 33.44 -40.46
C LYS A 677 16.38 32.19 -40.53
N THR A 678 15.75 31.06 -40.84
CA THR A 678 16.45 29.79 -40.96
C THR A 678 15.61 28.82 -41.79
N ASP A 679 16.29 27.93 -42.52
CA ASP A 679 15.61 26.93 -43.34
C ASP A 679 14.44 26.31 -42.57
N PHE A 680 13.27 26.27 -43.19
CA PHE A 680 12.07 25.79 -42.52
C PHE A 680 12.17 24.32 -42.18
N TYR A 681 11.82 23.99 -40.93
CA TYR A 681 11.80 22.59 -40.49
C TYR A 681 10.52 22.30 -39.72
N MET A 682 10.11 21.03 -39.73
CA MET A 682 8.90 20.62 -39.04
C MET A 682 9.22 20.24 -37.60
N GLU A 683 8.82 21.10 -36.66
CA GLU A 683 9.14 20.88 -35.26
C GLU A 683 7.89 20.55 -34.45
N GLU A 684 7.99 19.50 -33.64
CA GLU A 684 6.92 19.16 -32.71
C GLU A 684 7.03 20.06 -31.49
N VAL A 685 5.95 20.77 -31.18
CA VAL A 685 5.95 21.72 -30.07
C VAL A 685 4.74 21.51 -29.17
N PRO A 686 4.94 21.70 -27.85
CA PRO A 686 3.83 21.61 -26.89
C PRO A 686 2.99 22.88 -26.89
N VAL A 687 1.67 22.74 -26.84
CA VAL A 687 0.76 23.89 -26.88
C VAL A 687 1.15 24.93 -25.84
N THR A 688 1.17 24.53 -24.57
CA THR A 688 1.53 25.43 -23.49
C THR A 688 2.86 26.11 -23.77
N ILE A 690 3.67 28.47 -27.22
CA ILE A 690 2.86 29.48 -27.90
C ILE A 690 2.68 30.72 -27.04
N GLU A 691 3.51 31.72 -27.28
CA GLU A 691 3.46 32.96 -26.48
C GLU A 691 2.41 33.91 -27.03
N VAL A 692 2.19 33.85 -28.34
CA VAL A 692 1.20 34.71 -28.99
C VAL A 692 0.73 34.11 -30.30
N ILE A 693 -0.57 34.21 -30.55
CA ILE A 693 -1.15 33.72 -31.80
C ILE A 693 -1.43 34.89 -32.74
N THR A 694 -0.55 35.08 -33.71
CA THR A 694 -0.64 36.22 -34.62
C THR A 694 -1.90 36.13 -35.48
N LYS A 695 -2.35 37.29 -35.96
CA LYS A 695 -3.52 37.35 -36.84
C LYS A 695 -3.16 36.81 -38.21
N ARG A 696 -1.87 36.75 -38.51
CA ARG A 696 -1.40 36.27 -39.80
C ARG A 696 -1.67 34.78 -39.99
N LYS A 697 -2.25 34.43 -41.14
CA LYS A 697 -2.51 33.05 -41.48
C LYS A 697 -2.03 32.76 -42.90
N PHE A 698 -1.33 31.65 -43.09
CA PHE A 698 -0.77 31.31 -44.39
C PHE A 698 -1.76 30.51 -45.24
N ALA A 699 -2.00 31.00 -46.45
CA ALA A 699 -2.92 30.32 -47.36
C ALA A 699 -2.26 29.07 -47.95
N PRO A 701 -1.34 25.69 -49.06
CA PRO A 701 -1.05 24.44 -48.34
C PRO A 701 0.43 24.32 -47.98
N LEU A 702 0.72 24.01 -46.72
CA LEU A 702 2.09 23.85 -46.27
C LEU A 702 2.71 22.59 -46.87
N GLY A 703 1.87 21.57 -47.06
CA GLY A 703 2.32 20.32 -47.65
C GLY A 703 3.08 20.52 -48.95
N LYS A 704 2.70 21.57 -49.68
CA LYS A 704 3.37 21.91 -50.93
C LYS A 704 4.71 22.56 -50.64
N VAL A 705 4.80 23.27 -49.52
CA VAL A 705 6.05 23.87 -49.09
C VAL A 705 6.98 22.79 -48.53
N ILE A 706 6.38 21.74 -47.98
CA ILE A 706 7.14 20.60 -47.47
C ILE A 706 7.81 19.85 -48.61
N LYS A 707 7.22 19.94 -49.81
CA LYS A 707 7.76 19.29 -50.99
C LYS A 707 8.78 20.18 -51.68
N LYS A 708 8.75 21.47 -51.35
CA LYS A 708 9.70 22.43 -51.90
C LYS A 708 9.38 22.81 -53.34
N ASP A 709 8.10 22.77 -53.70
CA ASP A 709 7.67 23.17 -55.03
C ASP A 709 7.97 24.64 -55.26
N VAL A 710 8.67 24.93 -56.35
CA VAL A 710 9.11 26.29 -56.66
C VAL A 710 8.04 27.33 -56.37
N ALA A 711 6.81 27.07 -56.82
CA ALA A 711 5.69 27.97 -56.59
C ALA A 711 5.52 28.25 -55.09
N ALA A 712 5.16 27.20 -54.36
CA ALA A 712 4.96 27.28 -52.93
C ALA A 712 6.20 27.84 -52.24
N LEU A 713 7.36 27.49 -52.76
CA LEU A 713 8.63 27.96 -52.21
C LEU A 713 8.71 29.48 -52.29
N ASN A 714 8.54 30.02 -53.50
CA ASN A 714 8.54 31.46 -53.70
C ASN A 714 7.50 32.12 -52.79
N GLU A 715 6.27 31.63 -52.85
CA GLU A 715 5.21 32.18 -52.01
C GLU A 715 5.66 32.23 -50.55
N PHE A 716 6.14 31.10 -50.04
CA PHE A 716 6.59 30.99 -48.65
C PHE A 716 7.69 31.99 -48.34
N ASN A 717 8.71 32.05 -49.21
CA ASN A 717 9.81 32.97 -49.02
C ASN A 717 9.31 34.41 -48.91
N ALA A 718 8.51 34.83 -49.87
CA ALA A 718 7.95 36.18 -49.87
C ALA A 718 7.18 36.45 -48.57
N GLU A 719 6.22 35.58 -48.27
CA GLU A 719 5.39 35.75 -47.08
C GLU A 719 6.25 35.86 -45.82
N THR A 720 7.16 34.90 -45.65
CA THR A 720 8.05 34.89 -44.49
C THR A 720 8.85 36.17 -44.40
N ASN A 721 9.52 36.54 -45.48
CA ASN A 721 10.28 37.78 -45.51
C ASN A 721 9.41 38.96 -45.09
N ASN A 722 8.19 38.99 -45.61
CA ASN A 722 7.22 40.02 -45.25
C ASN A 722 6.93 40.03 -43.76
N ILE A 723 6.65 38.85 -43.21
CA ILE A 723 6.32 38.73 -41.80
C ILE A 723 7.50 39.10 -40.90
N LEU A 724 8.71 38.76 -41.35
CA LEU A 724 9.91 39.03 -40.58
C LEU A 724 10.45 40.44 -40.83
N ASP A 725 10.07 41.01 -41.97
CA ASP A 725 10.57 42.33 -42.37
C ASP A 725 10.04 43.49 -41.53
N GLY A 726 8.72 43.65 -41.49
CA GLY A 726 8.12 44.87 -40.96
C GLY A 726 7.27 44.75 -39.71
N LYS A 727 5.97 44.62 -39.91
CA LYS A 727 4.98 44.78 -38.84
C LYS A 727 5.34 44.13 -37.50
N THR A 728 4.76 44.67 -36.44
CA THR A 728 4.88 44.09 -35.11
C THR A 728 3.68 43.19 -34.85
N LEU A 729 3.91 42.08 -34.15
CA LEU A 729 2.87 41.08 -33.95
C LEU A 729 1.59 41.67 -33.38
N LYS A 730 0.45 41.17 -33.86
CA LYS A 730 -0.85 41.56 -33.34
C LYS A 730 -1.61 40.31 -32.90
N GLU A 731 -2.21 40.36 -31.72
CA GLU A 731 -2.88 39.19 -31.14
C GLU A 731 -4.06 38.74 -31.99
N ALA A 732 -4.70 37.65 -31.57
CA ALA A 732 -5.84 37.09 -32.28
C ALA A 732 -5.48 36.72 -33.71
N GLY A 739 -14.74 29.78 -24.36
CA GLY A 739 -15.26 29.42 -23.06
C GLY A 739 -15.29 30.59 -22.10
N LEU A 740 -15.79 30.35 -20.90
CA LEU A 740 -15.87 31.40 -19.88
C LEU A 740 -14.56 31.50 -19.11
N LYS A 741 -13.86 30.38 -18.96
CA LYS A 741 -12.59 30.37 -18.24
C LYS A 741 -11.57 31.24 -18.95
N ILE A 742 -11.37 30.97 -20.24
CA ILE A 742 -10.44 31.76 -21.05
C ILE A 742 -10.78 33.24 -20.97
N HIS A 743 -12.07 33.54 -20.80
CA HIS A 743 -12.53 34.92 -20.68
C HIS A 743 -11.96 35.59 -19.44
N GLN A 744 -12.29 35.05 -18.28
CA GLN A 744 -11.80 35.58 -17.01
C GLN A 744 -10.27 35.62 -17.01
N ILE A 745 -9.66 34.52 -17.45
CA ILE A 745 -8.21 34.45 -17.55
C ILE A 745 -7.68 35.60 -18.39
N LEU A 746 -8.29 35.82 -19.56
CA LEU A 746 -7.89 36.89 -20.44
C LEU A 746 -8.09 38.25 -19.77
N LEU A 747 -9.19 38.40 -19.04
CA LEU A 747 -9.47 39.64 -18.32
C LEU A 747 -8.36 39.93 -17.33
N ASP A 748 -8.08 38.98 -16.45
CA ASP A 748 -7.01 39.16 -15.47
C ASP A 748 -5.69 39.46 -16.18
N ARG A 749 -5.39 38.67 -17.21
CA ARG A 749 -4.18 38.87 -18.00
C ARG A 749 -4.08 40.31 -18.49
N THR A 750 -5.16 40.81 -19.09
CA THR A 750 -5.18 42.18 -19.60
C THR A 750 -5.03 43.18 -18.46
N ASN A 751 -5.65 42.91 -17.32
CA ASN A 751 -5.45 43.75 -16.14
C ASN A 751 -3.97 43.85 -15.84
N ILE A 752 -3.31 42.71 -15.69
CA ILE A 752 -1.87 42.68 -15.50
C ILE A 752 -1.18 43.45 -16.61
N ARG A 753 -1.69 43.30 -17.83
CA ARG A 753 -1.14 44.00 -18.99
C ARG A 753 -1.12 45.51 -18.75
N ASP A 754 -2.31 46.09 -18.58
CA ASP A 754 -2.43 47.52 -18.28
C ASP A 754 -1.56 47.86 -17.09
N GLU A 755 -1.46 46.93 -16.14
CA GLU A 755 -0.58 47.11 -14.98
C GLU A 755 0.88 46.99 -15.39
N SER A 768 16.86 43.70 -22.88
CA SER A 768 17.43 42.91 -23.96
C SER A 768 18.71 42.21 -23.49
N GLN A 769 19.56 42.96 -22.79
CA GLN A 769 20.80 42.40 -22.25
C GLN A 769 21.01 42.88 -20.82
N HIS A 770 19.92 43.20 -20.14
CA HIS A 770 19.99 43.70 -18.77
C HIS A 770 19.01 43.00 -17.83
N ILE A 771 18.11 42.19 -18.39
CA ILE A 771 17.11 41.48 -17.60
C ILE A 771 17.68 40.18 -17.03
N VAL A 772 18.85 39.78 -17.54
CA VAL A 772 19.50 38.55 -17.11
C VAL A 772 19.60 38.47 -15.59
N PRO A 773 20.24 39.48 -14.97
CA PRO A 773 20.44 39.47 -13.52
C PRO A 773 19.13 39.38 -12.74
N LYS A 774 18.19 40.26 -13.05
CA LYS A 774 16.88 40.24 -12.40
C LYS A 774 16.24 38.87 -12.52
N PHE A 775 16.21 38.34 -13.74
CA PHE A 775 15.66 37.01 -13.97
C PHE A 775 16.34 35.99 -13.05
N LYS A 776 17.67 36.01 -13.03
CA LYS A 776 18.43 35.14 -12.14
C LYS A 776 17.97 35.30 -10.70
N ALA A 777 17.84 36.55 -10.25
CA ALA A 777 17.40 36.84 -8.89
C ALA A 777 16.03 36.24 -8.63
N HIS A 778 15.13 36.35 -9.60
CA HIS A 778 13.81 35.76 -9.50
C HIS A 778 13.92 34.25 -9.33
N VAL A 779 14.68 33.62 -10.22
CA VAL A 779 14.91 32.18 -10.13
C VAL A 779 15.38 31.81 -8.72
N ILE A 780 16.38 32.52 -8.24
CA ILE A 780 16.90 32.31 -6.89
C ILE A 780 15.76 32.40 -5.88
N LYS A 781 15.09 33.55 -5.85
CA LYS A 781 13.98 33.76 -4.92
C LYS A 781 13.00 32.59 -4.95
N LYS A 782 12.68 32.12 -6.15
CA LYS A 782 11.79 30.97 -6.30
C LYS A 782 12.39 29.75 -5.59
N LYS A 783 13.63 29.40 -5.96
CA LYS A 783 14.30 28.25 -5.38
C LYS A 783 14.33 28.32 -3.84
N ILE A 784 14.83 29.43 -3.32
CA ILE A 784 14.96 29.63 -1.88
C ILE A 784 13.59 29.56 -1.21
N GLU A 785 12.65 30.37 -1.71
CA GLU A 785 11.29 30.35 -1.21
C GLU A 785 10.75 28.92 -1.19
N GLU A 786 11.08 28.16 -2.23
CA GLU A 786 10.66 26.77 -2.32
C GLU A 786 11.30 25.90 -1.24
N LEU A 787 12.62 26.02 -1.08
CA LEU A 787 13.35 25.24 -0.09
C LEU A 787 12.95 25.60 1.35
N TYR A 788 12.26 26.73 1.50
CA TYR A 788 11.82 27.17 2.82
C TYR A 788 10.61 26.35 3.26
N HIS A 789 9.55 26.38 2.45
CA HIS A 789 8.35 25.60 2.72
C HIS A 789 8.70 24.13 2.88
N LEU A 790 9.74 23.69 2.18
CA LEU A 790 10.14 22.29 2.19
C LEU A 790 10.60 21.84 3.59
N MET A 791 10.68 22.80 4.51
CA MET A 791 11.04 22.50 5.90
C MET A 791 9.91 22.87 6.85
N SER A 792 8.81 23.39 6.30
CA SER A 792 7.66 23.79 7.11
C SER A 792 6.80 22.58 7.47
N ASP A 793 6.31 21.90 6.44
CA ASP A 793 5.48 20.71 6.64
C ASP A 793 6.32 19.44 6.49
N SER A 797 5.31 17.48 11.11
CA SER A 797 4.02 17.42 10.45
C SER A 797 2.95 16.80 11.35
N LEU A 798 3.41 16.08 12.38
CA LEU A 798 2.49 15.45 13.33
C LEU A 798 1.98 16.44 14.36
N LEU A 799 2.75 17.49 14.62
CA LEU A 799 2.37 18.51 15.61
C LEU A 799 1.08 19.24 15.25
N PRO A 800 0.95 19.65 13.98
CA PRO A 800 -0.31 20.26 13.51
C PRO A 800 -1.51 19.34 13.77
N ASP A 801 -1.41 18.11 13.28
CA ASP A 801 -2.45 17.11 13.46
C ASP A 801 -2.76 16.97 14.94
N TYR A 802 -1.71 16.86 15.75
CA TYR A 802 -1.86 16.72 17.19
C TYR A 802 -2.67 17.86 17.79
N GLU A 803 -2.27 19.10 17.47
CA GLU A 803 -2.99 20.28 17.93
C GLU A 803 -4.47 20.20 17.54
N LYS A 804 -4.72 19.93 16.26
CA LYS A 804 -6.09 19.78 15.79
C LYS A 804 -6.85 18.75 16.62
N ARG A 805 -6.21 17.59 16.84
CA ARG A 805 -6.84 16.51 17.58
C ARG A 805 -7.11 16.89 19.04
N LEU A 806 -6.20 17.64 19.64
CA LEU A 806 -6.44 18.17 20.99
C LEU A 806 -7.69 19.03 20.96
N ALA A 807 -7.75 19.95 20.00
CA ALA A 807 -8.93 20.78 19.83
C ALA A 807 -10.18 19.89 19.77
N VAL A 808 -10.15 18.89 18.89
CA VAL A 808 -11.26 17.97 18.75
C VAL A 808 -11.64 17.33 20.08
N LEU A 809 -10.65 16.82 20.81
CA LEU A 809 -10.90 16.16 22.09
C LEU A 809 -11.42 17.13 23.13
N LYS A 810 -11.04 18.40 23.01
CA LYS A 810 -11.50 19.44 23.93
C LYS A 810 -12.96 19.79 23.65
N ASP A 811 -13.29 19.97 22.37
CA ASP A 811 -14.66 20.27 21.98
C ASP A 811 -15.66 19.20 22.43
N THR A 812 -15.29 17.94 22.31
CA THR A 812 -16.20 16.84 22.63
C THR A 812 -16.01 16.32 24.07
N GLU A 813 -15.19 17.02 24.84
CA GLU A 813 -15.09 16.80 26.29
C GLU A 813 -14.46 15.46 26.70
N PHE A 814 -13.50 14.97 25.93
CA PHE A 814 -12.72 13.81 26.35
C PHE A 814 -11.61 14.30 27.28
N ILE A 815 -11.20 15.53 27.07
CA ILE A 815 -10.24 16.21 27.95
C ILE A 815 -10.79 17.59 28.28
N ASP A 816 -10.39 18.14 29.41
CA ASP A 816 -10.85 19.47 29.79
C ASP A 816 -9.93 20.55 29.24
N GLN A 817 -10.24 21.80 29.55
CA GLN A 817 -9.53 22.94 28.96
C GLN A 817 -8.04 22.92 29.31
N ASN A 818 -7.68 22.26 30.39
CA ASN A 818 -6.28 22.15 30.79
C ASN A 818 -5.63 20.86 30.30
N HIS A 819 -6.34 20.14 29.44
CA HIS A 819 -5.84 18.89 28.86
C HIS A 819 -5.71 17.76 29.88
N ASN A 820 -6.50 17.81 30.94
CA ASN A 820 -6.66 16.65 31.82
C ASN A 820 -7.61 15.66 31.17
N VAL A 821 -7.29 14.37 31.26
CA VAL A 821 -8.14 13.34 30.68
C VAL A 821 -9.36 13.13 31.58
N LEU A 822 -10.54 13.37 31.03
CA LEU A 822 -11.78 13.19 31.78
C LEU A 822 -12.22 11.73 31.70
N LEU A 823 -13.24 11.37 32.48
CA LEU A 823 -13.74 10.00 32.51
C LEU A 823 -14.04 9.49 31.10
N LYS A 824 -14.73 10.31 30.32
CA LYS A 824 -15.03 10.00 28.93
C LYS A 824 -13.76 9.57 28.19
N GLY A 825 -12.69 10.34 28.34
CA GLY A 825 -11.43 10.03 27.70
C GLY A 825 -10.81 8.76 28.24
N ARG A 826 -11.01 8.51 29.53
CA ARG A 826 -10.52 7.27 30.13
C ARG A 826 -11.27 6.09 29.54
N VAL A 827 -12.55 6.27 29.24
CA VAL A 827 -13.31 5.25 28.54
C VAL A 827 -12.73 5.05 27.15
N ALA A 828 -12.59 6.15 26.41
CA ALA A 828 -12.03 6.07 25.06
C ALA A 828 -10.65 5.41 25.06
N CYS A 829 -9.88 5.60 26.14
CA CYS A 829 -8.60 4.92 26.28
C CYS A 829 -8.72 3.39 26.13
N GLU A 830 -9.88 2.84 26.45
CA GLU A 830 -10.05 1.38 26.45
C GLU A 830 -10.45 0.84 25.08
N ILE A 831 -10.94 1.71 24.20
CA ILE A 831 -11.35 1.29 22.86
C ILE A 831 -10.17 1.45 21.90
N ASN A 832 -9.68 0.33 21.39
CA ASN A 832 -8.52 0.34 20.50
C ASN A 832 -8.88 -0.11 19.09
N SER A 833 -10.17 -0.04 18.74
CA SER A 833 -10.65 -0.68 17.53
C SER A 833 -10.90 0.26 16.35
N GLY A 834 -10.72 1.56 16.56
CA GLY A 834 -10.80 2.51 15.45
C GLY A 834 -11.74 3.70 15.66
N TYR A 835 -12.94 3.44 16.15
CA TYR A 835 -13.93 4.51 16.32
C TYR A 835 -14.19 4.77 17.79
N GLU A 836 -13.13 5.05 18.54
CA GLU A 836 -13.19 5.13 19.99
C GLU A 836 -14.12 6.24 20.51
N LEU A 837 -14.14 7.38 19.83
CA LEU A 837 -14.93 8.53 20.26
C LEU A 837 -16.44 8.27 20.11
N VAL A 838 -16.84 7.82 18.93
CA VAL A 838 -18.24 7.52 18.66
C VAL A 838 -18.76 6.41 19.57
N LEU A 839 -17.96 5.35 19.72
CA LEU A 839 -18.33 4.22 20.57
C LEU A 839 -18.46 4.66 22.03
N THR A 840 -17.45 5.39 22.51
CA THR A 840 -17.53 5.99 23.84
C THR A 840 -18.83 6.77 23.98
N GLU A 841 -19.09 7.65 23.01
CA GLU A 841 -20.32 8.44 23.01
C GLU A 841 -21.54 7.51 23.12
N LEU A 842 -21.55 6.45 22.33
CA LEU A 842 -22.68 5.52 22.34
C LEU A 842 -22.89 4.86 23.70
N ILE A 843 -21.81 4.39 24.34
CA ILE A 843 -21.96 3.67 25.60
C ILE A 843 -21.89 4.54 26.86
N LEU A 844 -21.47 5.79 26.74
CA LEU A 844 -21.33 6.67 27.90
C LEU A 844 -22.59 6.76 28.78
N ASP A 845 -23.72 7.14 28.19
CA ASP A 845 -24.96 7.29 28.95
C ASP A 845 -25.73 5.96 29.04
N ASN A 846 -27.05 6.03 29.08
CA ASN A 846 -27.88 4.84 29.26
C ASN A 846 -28.87 4.62 28.12
N PHE A 847 -28.48 5.01 26.91
CA PHE A 847 -29.29 4.75 25.72
C PHE A 847 -29.49 3.25 25.54
N LEU A 848 -28.48 2.47 25.92
CA LEU A 848 -28.51 1.02 25.78
C LEU A 848 -29.19 0.35 26.97
N GLY A 849 -29.79 1.15 27.83
CA GLY A 849 -30.41 0.65 29.05
C GLY A 849 -31.40 -0.47 28.84
N SER A 850 -32.23 -0.35 27.81
CA SER A 850 -33.29 -1.34 27.58
C SER A 850 -33.00 -2.21 26.35
N PHE A 851 -31.73 -2.32 25.99
CA PHE A 851 -31.31 -3.21 24.91
C PHE A 851 -30.97 -4.59 25.47
N GLU A 852 -31.28 -5.63 24.70
CA GLU A 852 -30.84 -6.97 25.04
C GLU A 852 -29.38 -7.16 24.62
N PRO A 853 -28.65 -8.04 25.32
CA PRO A 853 -27.27 -8.37 24.95
C PRO A 853 -27.14 -8.67 23.45
N GLU A 854 -28.06 -9.48 22.94
CA GLU A 854 -28.09 -9.83 21.53
C GLU A 854 -28.18 -8.56 20.69
N GLU A 855 -29.07 -7.67 21.09
CA GLU A 855 -29.26 -6.41 20.39
C GLU A 855 -28.00 -5.54 20.42
N ILE A 856 -27.39 -5.41 21.58
CA ILE A 856 -26.19 -4.59 21.72
C ILE A 856 -25.07 -5.12 20.83
N VAL A 857 -24.77 -6.41 20.96
CA VAL A 857 -23.69 -6.96 20.16
C VAL A 857 -24.06 -6.87 18.67
N ALA A 858 -25.33 -7.03 18.36
CA ALA A 858 -25.79 -6.84 16.99
C ALA A 858 -25.46 -5.43 16.50
N LEU A 859 -25.86 -4.44 17.27
CA LEU A 859 -25.67 -3.04 16.92
C LEU A 859 -24.19 -2.68 16.78
N LEU A 860 -23.38 -3.20 17.68
CA LEU A 860 -21.94 -2.92 17.66
C LEU A 860 -21.24 -3.40 16.39
N SER A 861 -21.88 -4.27 15.62
CA SER A 861 -21.25 -4.83 14.43
C SER A 861 -20.89 -3.73 13.42
N VAL A 862 -21.50 -2.57 13.57
CA VAL A 862 -21.27 -1.47 12.64
C VAL A 862 -19.82 -0.97 12.72
N PHE A 863 -19.18 -1.15 13.87
CA PHE A 863 -17.82 -0.66 14.07
C PHE A 863 -16.75 -1.63 13.56
N VAL A 864 -17.16 -2.76 12.99
CA VAL A 864 -16.20 -3.75 12.52
C VAL A 864 -16.57 -4.34 11.16
N TYR A 865 -17.55 -3.73 10.50
CA TYR A 865 -18.00 -4.22 9.20
C TYR A 865 -17.92 -3.13 8.14
N GLU A 866 -17.21 -3.41 7.05
CA GLU A 866 -16.93 -2.41 6.01
C GLU A 866 -18.19 -1.86 5.36
N GLY A 867 -19.26 -2.66 5.34
CA GLY A 867 -20.52 -2.23 4.77
C GLY A 867 -20.44 -2.01 3.27
N LYS A 868 -19.78 -2.91 2.56
CA LYS A 868 -19.63 -2.78 1.11
C LYS A 868 -20.47 -3.79 0.35
N THR A 869 -21.43 -4.41 1.04
CA THR A 869 -22.29 -5.42 0.43
C THR A 869 -22.99 -4.85 -0.80
N ARG A 870 -23.09 -5.65 -1.84
CA ARG A 870 -23.76 -5.24 -3.07
C ARG A 870 -25.19 -5.75 -3.11
N GLU A 871 -25.83 -5.80 -1.94
CA GLU A 871 -27.20 -6.27 -1.84
C GLU A 871 -28.06 -5.29 -1.05
N GLU A 872 -29.37 -5.37 -1.24
CA GLU A 872 -30.30 -4.47 -0.58
C GLU A 872 -30.56 -4.88 0.86
N GLU A 873 -30.48 -3.91 1.77
CA GLU A 873 -30.73 -4.17 3.19
C GLU A 873 -32.20 -4.45 3.45
N PRO A 874 -32.50 -5.58 4.10
CA PRO A 874 -33.87 -5.89 4.49
C PRO A 874 -34.22 -5.12 5.76
N PRO A 875 -35.50 -5.17 6.18
CA PRO A 875 -35.89 -4.47 7.40
C PRO A 875 -35.08 -4.91 8.61
N ILE A 876 -34.63 -3.95 9.42
CA ILE A 876 -33.91 -4.26 10.65
C ILE A 876 -34.80 -5.15 11.51
N VAL A 877 -34.20 -6.17 12.14
CA VAL A 877 -34.96 -7.24 12.75
C VAL A 877 -35.73 -6.82 14.02
N THR A 878 -35.28 -5.75 14.67
CA THR A 878 -36.01 -5.23 15.83
C THR A 878 -36.03 -3.70 15.80
N PRO A 879 -37.05 -3.10 16.44
CA PRO A 879 -37.22 -1.64 16.51
C PRO A 879 -36.05 -0.94 17.21
N ARG A 880 -35.60 -1.51 18.33
CA ARG A 880 -34.48 -0.93 19.08
C ARG A 880 -33.23 -0.83 18.21
N LEU A 881 -32.97 -1.86 17.43
CA LEU A 881 -31.80 -1.88 16.54
C LEU A 881 -31.89 -0.74 15.53
N ALA A 882 -33.09 -0.50 15.02
CA ALA A 882 -33.34 0.62 14.13
C ALA A 882 -33.01 1.92 14.86
N LYS A 883 -33.56 2.07 16.06
CA LYS A 883 -33.27 3.23 16.89
C LYS A 883 -31.77 3.37 17.16
N GLY A 884 -31.10 2.24 17.34
CA GLY A 884 -29.68 2.23 17.64
C GLY A 884 -28.89 2.72 16.46
N LYS A 885 -29.26 2.23 15.28
CA LYS A 885 -28.67 2.70 14.03
C LYS A 885 -28.83 4.21 13.94
N GLN A 886 -30.07 4.68 14.13
CA GLN A 886 -30.35 6.11 14.12
C GLN A 886 -29.41 6.86 15.07
N ARG A 887 -29.35 6.39 16.31
CA ARG A 887 -28.52 6.99 17.35
C ARG A 887 -27.05 7.10 16.93
N ILE A 888 -26.47 5.98 16.51
CA ILE A 888 -25.07 5.97 16.09
C ILE A 888 -24.86 6.90 14.90
N GLU A 889 -25.76 6.85 13.93
CA GLU A 889 -25.69 7.76 12.78
C GLU A 889 -25.61 9.21 13.24
N GLU A 890 -26.52 9.61 14.12
CA GLU A 890 -26.50 10.97 14.66
C GLU A 890 -25.16 11.29 15.33
N ILE A 891 -24.75 10.44 16.27
CA ILE A 891 -23.46 10.63 16.94
C ILE A 891 -22.37 10.87 15.90
N TYR A 892 -22.34 10.01 14.88
CA TYR A 892 -21.30 10.10 13.87
C TYR A 892 -21.36 11.43 13.13
N LYS A 893 -22.55 11.82 12.69
CA LYS A 893 -22.74 13.11 12.04
C LYS A 893 -22.14 14.23 12.90
N LYS A 894 -22.53 14.29 14.16
CA LYS A 894 -21.99 15.31 15.06
C LYS A 894 -20.47 15.28 15.07
N MET A 895 -19.92 14.08 15.29
CA MET A 895 -18.46 13.92 15.32
C MET A 895 -17.84 14.44 14.02
N LEU A 896 -18.47 14.17 12.89
CA LEU A 896 -18.00 14.66 11.60
C LEU A 896 -18.00 16.19 11.59
N CYS A 897 -19.10 16.78 12.05
CA CYS A 897 -19.18 18.23 12.18
C CYS A 897 -17.96 18.75 12.92
N VAL A 898 -17.68 18.16 14.09
CA VAL A 898 -16.52 18.57 14.86
C VAL A 898 -15.20 18.36 14.11
N PHE A 899 -15.06 17.24 13.40
CA PHE A 899 -13.88 17.02 12.58
C PHE A 899 -13.71 18.13 11.53
N ASN A 900 -14.81 18.48 10.89
CA ASN A 900 -14.81 19.50 9.86
C ASN A 900 -14.41 20.86 10.43
N THR A 901 -15.02 21.23 11.55
CA THR A 901 -14.71 22.49 12.20
C THR A 901 -13.21 22.74 12.37
N HIS A 902 -12.47 21.69 12.75
CA HIS A 902 -11.04 21.83 13.01
C HIS A 902 -10.19 21.35 11.84
N GLN A 903 -10.81 21.24 10.67
CA GLN A 903 -10.10 20.90 9.45
C GLN A 903 -9.11 19.75 9.65
N ILE A 904 -9.59 18.63 10.16
CA ILE A 904 -8.77 17.44 10.29
C ILE A 904 -9.08 16.49 9.14
N PRO A 905 -8.03 16.00 8.46
CA PRO A 905 -8.23 15.11 7.30
C PRO A 905 -8.81 13.76 7.67
N LEU A 906 -9.80 13.31 6.92
CA LEU A 906 -10.45 12.02 7.15
C LEU A 906 -9.97 10.99 6.15
N THR A 907 -9.82 9.75 6.62
CA THR A 907 -9.58 8.63 5.71
C THR A 907 -10.88 8.37 4.97
N GLN A 908 -10.80 7.72 3.82
CA GLN A 908 -11.98 7.49 2.99
C GLN A 908 -13.04 6.71 3.76
N ASP A 909 -12.60 5.82 4.64
CA ASP A 909 -13.52 5.05 5.47
C ASP A 909 -14.29 5.95 6.41
N GLU A 910 -13.56 6.73 7.22
CA GLU A 910 -14.18 7.70 8.10
C GLU A 910 -15.17 8.56 7.34
N ALA A 911 -14.75 9.03 6.17
CA ALA A 911 -15.56 9.95 5.36
C ALA A 911 -16.85 9.29 4.88
N GLU A 912 -16.72 8.18 4.16
CA GLU A 912 -17.87 7.51 3.56
C GLU A 912 -18.59 6.59 4.54
N PHE A 913 -18.15 6.56 5.79
CA PHE A 913 -18.72 5.70 6.81
C PHE A 913 -20.24 5.57 6.67
N LEU A 914 -20.92 6.70 6.63
CA LEU A 914 -22.38 6.72 6.58
C LEU A 914 -22.93 6.44 5.18
N ASP A 915 -22.07 6.57 4.18
CA ASP A 915 -22.49 6.37 2.80
C ASP A 915 -22.47 4.89 2.42
N ARG A 916 -21.98 4.06 3.34
CA ARG A 916 -21.93 2.62 3.12
C ARG A 916 -22.94 1.90 3.99
N LYS A 917 -23.16 0.61 3.72
CA LYS A 917 -24.16 -0.16 4.42
C LYS A 917 -23.56 -0.88 5.62
N ARG A 918 -22.95 -0.11 6.51
CA ARG A 918 -22.24 -0.67 7.66
C ARG A 918 -23.15 -1.39 8.67
N PHE A 919 -24.46 -1.16 8.56
CA PHE A 919 -25.40 -1.77 9.51
C PHE A 919 -25.99 -3.07 8.96
N ALA A 920 -25.54 -3.48 7.78
CA ALA A 920 -26.13 -4.60 7.07
C ALA A 920 -25.96 -5.95 7.79
N MET A 921 -25.04 -6.01 8.76
CA MET A 921 -24.74 -7.27 9.43
C MET A 921 -25.44 -7.41 10.77
N MET A 922 -26.22 -6.41 11.17
CA MET A 922 -26.92 -6.45 12.45
C MET A 922 -27.79 -7.71 12.58
N ASN A 923 -28.62 -7.97 11.57
CA ASN A 923 -29.52 -9.12 11.60
C ASN A 923 -28.77 -10.44 11.82
N VAL A 924 -27.72 -10.65 11.03
CA VAL A 924 -26.92 -11.86 11.14
C VAL A 924 -26.41 -12.05 12.57
N VAL A 925 -25.76 -11.02 13.10
CA VAL A 925 -25.15 -11.08 14.43
C VAL A 925 -26.21 -11.28 15.51
N TYR A 926 -27.37 -10.63 15.33
CA TYR A 926 -28.50 -10.84 16.21
C TYR A 926 -28.90 -12.31 16.22
N GLU A 927 -29.30 -12.81 15.06
CA GLU A 927 -29.73 -14.20 14.95
C GLU A 927 -28.66 -15.16 15.46
N TRP A 928 -27.38 -14.83 15.23
CA TRP A 928 -26.29 -15.66 15.72
C TRP A 928 -26.29 -15.66 17.24
N ALA A 929 -26.41 -14.47 17.82
CA ALA A 929 -26.46 -14.36 19.28
C ALA A 929 -27.71 -15.04 19.83
N ARG A 930 -28.77 -15.12 19.03
CA ARG A 930 -29.98 -15.82 19.43
C ARG A 930 -29.81 -17.35 19.48
N GLY A 931 -28.89 -17.88 18.68
CA GLY A 931 -28.61 -19.31 18.72
C GLY A 931 -28.76 -20.02 17.38
N LEU A 932 -29.09 -19.28 16.33
CA LEU A 932 -29.20 -19.87 15.00
C LEU A 932 -27.89 -20.56 14.60
N SER A 933 -28.01 -21.67 13.90
CA SER A 933 -26.83 -22.37 13.40
C SER A 933 -26.19 -21.55 12.29
N PHE A 934 -24.93 -21.86 11.97
CA PHE A 934 -24.21 -21.09 10.97
C PHE A 934 -24.84 -21.28 9.60
N LYS A 935 -25.38 -22.47 9.35
CA LYS A 935 -26.07 -22.77 8.11
C LYS A 935 -27.20 -21.76 7.86
N GLU A 936 -28.07 -21.63 8.84
CA GLU A 936 -29.19 -20.69 8.76
C GLU A 936 -28.68 -19.26 8.69
N ILE A 937 -27.63 -18.96 9.45
CA ILE A 937 -27.00 -17.65 9.38
C ILE A 937 -26.58 -17.34 7.95
N MET A 938 -25.94 -18.30 7.30
CA MET A 938 -25.46 -18.09 5.93
C MET A 938 -26.63 -17.95 4.98
N GLU A 939 -27.68 -18.74 5.18
CA GLU A 939 -28.86 -18.63 4.34
C GLU A 939 -29.48 -17.23 4.33
N MET A 940 -29.12 -16.37 5.28
CA MET A 940 -29.67 -15.02 5.33
C MET A 940 -28.59 -13.93 5.33
N SER A 941 -27.34 -14.33 5.11
CA SER A 941 -26.22 -13.40 5.20
C SER A 941 -25.99 -12.64 3.89
N PRO A 942 -25.68 -11.34 3.99
CA PRO A 942 -25.29 -10.54 2.81
C PRO A 942 -23.81 -10.68 2.49
N GLU A 943 -23.08 -11.44 3.30
CA GLU A 943 -21.64 -11.60 3.12
C GLU A 943 -21.23 -13.08 3.20
N ALA A 944 -20.07 -13.39 2.65
CA ALA A 944 -19.57 -14.77 2.65
C ALA A 944 -19.12 -15.18 4.05
N GLU A 945 -18.97 -16.49 4.24
CA GLU A 945 -18.61 -17.07 5.53
C GLU A 945 -17.46 -16.34 6.24
N GLY A 946 -16.35 -16.18 5.54
CA GLY A 946 -15.16 -15.57 6.11
C GLY A 946 -15.43 -14.23 6.76
N THR A 947 -16.21 -13.39 6.09
CA THR A 947 -16.53 -12.06 6.60
C THR A 947 -17.45 -12.14 7.81
N VAL A 948 -18.42 -13.05 7.76
CA VAL A 948 -19.30 -13.28 8.90
C VAL A 948 -18.43 -13.62 10.11
N VAL A 949 -17.51 -14.56 9.92
CA VAL A 949 -16.61 -14.97 11.00
C VAL A 949 -15.73 -13.81 11.48
N ARG A 950 -15.20 -13.04 10.53
CA ARG A 950 -14.40 -11.87 10.86
C ARG A 950 -15.18 -10.92 11.78
N VAL A 951 -16.35 -10.50 11.31
CA VAL A 951 -17.21 -9.61 12.08
C VAL A 951 -17.48 -10.15 13.48
N ILE A 952 -18.01 -11.37 13.53
CA ILE A 952 -18.40 -11.95 14.82
C ILE A 952 -17.20 -12.15 15.76
N THR A 953 -16.07 -12.60 15.24
CA THR A 953 -14.89 -12.77 16.10
C THR A 953 -14.34 -11.42 16.59
N TRP A 954 -14.39 -10.40 15.74
CA TRP A 954 -13.98 -9.06 16.17
C TRP A 954 -14.92 -8.52 17.28
N LEU A 955 -16.22 -8.77 17.10
CA LEU A 955 -17.19 -8.35 18.10
C LEU A 955 -16.90 -8.86 19.52
N ASP A 956 -16.27 -10.02 19.64
CA ASP A 956 -15.86 -10.54 20.93
C ASP A 956 -14.92 -9.52 21.61
N GLU A 957 -13.90 -9.11 20.87
CA GLU A 957 -12.95 -8.12 21.35
C GLU A 957 -13.67 -6.81 21.68
N ILE A 958 -14.54 -6.37 20.78
CA ILE A 958 -15.34 -5.17 21.06
C ILE A 958 -16.04 -5.30 22.42
N CYS A 959 -16.69 -6.45 22.64
CA CYS A 959 -17.40 -6.70 23.89
C CYS A 959 -16.46 -6.64 25.09
N ARG A 960 -15.28 -7.23 24.96
CA ARG A 960 -14.27 -7.12 26.02
C ARG A 960 -13.94 -5.64 26.33
N GLU A 961 -13.63 -4.89 25.30
CA GLU A 961 -13.35 -3.46 25.45
C GLU A 961 -14.49 -2.74 26.17
N VAL A 962 -15.72 -2.99 25.72
CA VAL A 962 -16.88 -2.35 26.34
C VAL A 962 -17.06 -2.78 27.79
N LYS A 963 -16.76 -4.04 28.09
CA LYS A 963 -16.78 -4.51 29.48
C LYS A 963 -15.85 -3.64 30.33
N THR A 964 -14.58 -3.57 29.93
CA THR A 964 -13.61 -2.75 30.65
C THR A 964 -14.13 -1.31 30.81
N ALA A 965 -14.58 -0.75 29.69
CA ALA A 965 -15.15 0.59 29.70
C ALA A 965 -16.25 0.70 30.75
N SER A 966 -17.14 -0.29 30.78
CA SER A 966 -18.26 -0.27 31.72
C SER A 966 -17.74 -0.28 33.15
N ILE A 967 -16.68 -1.05 33.39
CA ILE A 967 -16.03 -0.99 34.69
C ILE A 967 -15.66 0.45 35.00
N ILE A 968 -14.98 1.11 34.07
CA ILE A 968 -14.65 2.53 34.27
C ILE A 968 -15.89 3.40 34.52
N ILE A 969 -16.94 3.20 33.73
CA ILE A 969 -18.15 4.01 33.84
C ILE A 969 -18.95 3.72 35.11
N GLY A 970 -18.74 2.53 35.67
CA GLY A 970 -19.47 2.12 36.86
C GLY A 970 -20.77 1.42 36.52
N ASN A 971 -21.01 1.21 35.24
CA ASN A 971 -22.23 0.56 34.77
C ASN A 971 -22.07 -0.96 34.73
N SER A 972 -22.41 -1.61 35.84
CA SER A 972 -22.22 -3.06 35.98
C SER A 972 -23.23 -3.86 35.15
N THR A 973 -24.41 -3.30 34.93
CA THR A 973 -25.42 -3.92 34.10
C THR A 973 -24.87 -4.15 32.70
N LEU A 974 -24.32 -3.08 32.11
CA LEU A 974 -23.72 -3.16 30.79
C LEU A 974 -22.65 -4.24 30.77
N HIS A 975 -21.82 -4.26 31.81
CA HIS A 975 -20.77 -5.27 31.96
C HIS A 975 -21.38 -6.68 31.85
N MET A 976 -22.39 -6.92 32.69
CA MET A 976 -23.10 -8.20 32.70
C MET A 976 -23.59 -8.55 31.29
N LYS A 977 -24.32 -7.62 30.67
CA LYS A 977 -24.84 -7.85 29.33
C LYS A 977 -23.73 -8.24 28.36
N MET A 978 -22.63 -7.50 28.37
CA MET A 978 -21.51 -7.79 27.48
C MET A 978 -20.98 -9.20 27.71
N SER A 979 -20.74 -9.55 28.98
CA SER A 979 -20.35 -10.93 29.29
C SER A 979 -21.34 -11.91 28.66
N ARG A 980 -22.62 -11.64 28.84
CA ARG A 980 -23.67 -12.50 28.27
C ARG A 980 -23.58 -12.58 26.74
N ALA A 981 -23.33 -11.44 26.10
CA ALA A 981 -23.17 -11.41 24.64
C ALA A 981 -22.01 -12.28 24.21
N GLN A 982 -20.87 -12.10 24.88
CA GLN A 982 -19.71 -12.94 24.61
C GLN A 982 -20.08 -14.40 24.74
N GLU A 983 -20.77 -14.75 25.82
CA GLU A 983 -21.21 -16.12 26.03
C GLU A 983 -22.12 -16.59 24.89
N LEU A 984 -23.01 -15.71 24.42
CA LEU A 984 -23.92 -16.07 23.33
C LEU A 984 -23.22 -16.28 21.98
N ILE A 985 -22.28 -15.40 21.63
CA ILE A 985 -21.66 -15.48 20.30
C ILE A 985 -20.42 -16.39 20.21
N LYS A 986 -19.79 -16.65 21.35
CA LYS A 986 -18.52 -17.37 21.36
C LYS A 986 -18.73 -18.88 21.31
N ARG A 987 -18.98 -19.40 20.11
CA ARG A 987 -19.34 -20.80 19.97
C ARG A 987 -19.13 -21.37 18.56
N ASP A 988 -19.08 -22.70 18.48
CA ASP A 988 -19.14 -23.41 17.21
C ASP A 988 -18.04 -22.99 16.23
N ILE A 989 -18.25 -23.29 14.95
CA ILE A 989 -17.24 -23.10 13.92
C ILE A 989 -16.67 -21.69 13.88
N VAL A 990 -17.47 -20.71 14.28
CA VAL A 990 -17.02 -19.32 14.26
C VAL A 990 -15.79 -19.15 15.16
N PHE A 991 -15.73 -19.95 16.23
CA PHE A 991 -14.64 -19.85 17.20
C PHE A 991 -13.89 -21.18 17.34
N ALA A 992 -13.80 -21.94 16.27
CA ALA A 992 -13.11 -23.23 16.31
C ALA A 992 -11.63 -23.03 16.59
N ALA A 993 -11.07 -23.91 17.42
CA ALA A 993 -9.64 -23.87 17.70
C ALA A 993 -8.85 -24.06 16.41
N SER A 994 -7.76 -23.31 16.28
CA SER A 994 -6.90 -23.39 15.11
C SER A 994 -6.28 -24.78 14.97
N LEU A 995 -6.21 -25.28 13.74
CA LEU A 995 -5.63 -26.58 13.48
C LEU A 995 -4.12 -26.58 13.69
N TYR A 996 -3.52 -25.39 13.76
CA TYR A 996 -2.09 -25.26 13.92
C TYR A 996 -1.65 -25.49 15.36
N LEU A 997 -2.57 -25.28 16.30
CA LEU A 997 -2.25 -25.39 17.72
C LEU A 997 -2.27 -26.85 18.18
PG ANP B . 10.14 -14.83 2.35
O1G ANP B . 9.36 -15.35 1.19
O2G ANP B . 11.13 -13.87 1.77
O3G ANP B . 9.16 -13.94 3.05
PB ANP B . 12.36 -16.43 2.83
O1B ANP B . 13.15 -15.22 2.45
O2B ANP B . 12.33 -17.19 1.54
N3B ANP B . 10.82 -16.01 3.31
PA ANP B . 12.57 -18.63 4.40
O1A ANP B . 13.07 -19.05 5.76
O2A ANP B . 11.10 -18.47 4.64
O3A ANP B . 13.13 -17.25 3.93
O5' ANP B . 12.88 -19.78 3.35
C5' ANP B . 14.09 -20.47 3.45
C4' ANP B . 13.88 -21.91 3.04
O4' ANP B . 15.04 -22.40 2.42
C3' ANP B . 13.60 -22.79 4.21
O3' ANP B . 12.82 -23.85 3.86
C2' ANP B . 14.95 -23.24 4.61
O2' ANP B . 14.90 -24.55 5.06
C1' ANP B . 15.76 -23.12 3.38
N9 ANP B . 17.03 -22.45 3.63
C8 ANP B . 17.23 -21.32 4.42
N7 ANP B . 18.57 -21.02 4.38
C5 ANP B . 19.22 -21.97 3.57
C6 ANP B . 20.55 -22.16 3.18
N6 ANP B . 21.59 -21.25 3.64
N1 ANP B . 20.86 -23.20 2.37
C2 ANP B . 19.91 -24.04 1.93
N3 ANP B . 18.61 -23.89 2.29
C4 ANP B . 18.24 -22.88 3.09
C1 EDO C . -15.34 -23.45 -2.75
O1 EDO C . -16.73 -23.08 -2.76
C2 EDO C . -14.91 -23.86 -1.35
O2 EDO C . -13.52 -24.15 -1.34
C1 EDO D . -8.89 -12.46 -0.07
O1 EDO D . -10.11 -12.17 -0.75
C2 EDO D . -8.90 -11.79 1.29
O2 EDO D . -7.84 -12.31 2.11
C1 EDO E . -6.68 -18.53 8.76
O1 EDO E . -7.72 -17.55 8.89
C2 EDO E . -5.60 -18.02 7.82
O2 EDO E . -4.43 -18.83 7.94
C1 EDO F . -12.85 8.48 14.67
O1 EDO F . -11.46 8.52 14.35
C2 EDO F . -13.03 8.13 16.14
O2 EDO F . -14.42 7.99 16.44
#